data_8VMG
#
_entry.id   8VMG
#
_cell.length_a   195.585
_cell.length_b   195.585
_cell.length_c   152.204
_cell.angle_alpha   90.000
_cell.angle_beta   90.000
_cell.angle_gamma   120.000
#
_symmetry.space_group_name_H-M   'P 65 2 2'
#
loop_
_entity.id
_entity.type
_entity.pdbx_description
1 polymer 'Glycogen synthase kinase-3 beta'
2 polymer Axin-1
3 non-polymer "ADENOSINE-5'-DIPHOSPHATE"
4 non-polymer 1,2-ETHANEDIOL
5 non-polymer 'NITRATE ION'
6 non-polymer GLYCEROL
7 non-polymer 'SULFATE ION'
8 non-polymer 'MAGNESIUM ION'
9 non-polymer 'CHLORIDE ION'
10 non-polymer '2-(N-MORPHOLINO)-ETHANESULFONIC ACID'
11 water water
#
loop_
_entity_poly.entity_id
_entity_poly.type
_entity_poly.pdbx_seq_one_letter_code
_entity_poly.pdbx_strand_id
1 'polypeptide(L)'
;MKVSRDKDGSKVTTVVATPGQGPDRPQEVSYTDTKVIGNGSFGVVYQAKLCDSGELVAIKKVLQDKRFKNRELQIMRKLD
HCNIVRLRYFFYSSGEKKDEVYLNLVLDYVPETVYRVARHYSRAKQTLPVIYVKLYMYQLFRSLAYIHSFGICHRDIKPQ
NLLLDPDTAVLKLCDFGSAKQLVRGEPNVSYICSRYYRAPELIFGATDYTSSIDVWSAGCVLAELLLGQPIFPGDSGVDQ
LVEIIKVLGTPTREQIREMNPNYTEFKFPQIKAHPWTKVFRPRTPPEAIALCSRLLEYTPTARLTPLEACAHSFFDELRD
PNVKLPNGRDTPALFNFTTQELSSNPPLATILIPPHARHHHHHH
;
A,B
2 'polypeptide(L)' GGWGSGGVEPQKFAEELIHRLEAVQRTREAEEKLEERLKRVRMEEEGEDGDPSSGPPGPC C,D
#
loop_
_chem_comp.id
_chem_comp.type
_chem_comp.name
_chem_comp.formula
ADP non-polymer ADENOSINE-5'-DIPHOSPHATE 'C10 H15 N5 O10 P2'
CL non-polymer 'CHLORIDE ION' 'Cl -1'
EDO non-polymer 1,2-ETHANEDIOL 'C2 H6 O2'
GOL non-polymer GLYCEROL 'C3 H8 O3'
MES non-polymer '2-(N-MORPHOLINO)-ETHANESULFONIC ACID' 'C6 H13 N O4 S'
MG non-polymer 'MAGNESIUM ION' 'Mg 2'
NO3 non-polymer 'NITRATE ION' 'N O3 -1'
SO4 non-polymer 'SULFATE ION' 'O4 S -2'
#
# COMPACT_ATOMS: atom_id res chain seq x y z
N MET A 1 6.77 46.05 -27.30
CA MET A 1 5.82 45.27 -28.08
C MET A 1 5.53 45.93 -29.43
N LYS A 2 6.21 45.48 -30.48
CA LYS A 2 5.86 45.86 -31.84
C LYS A 2 5.10 44.72 -32.51
N VAL A 3 4.42 45.04 -33.61
CA VAL A 3 3.53 44.09 -34.29
C VAL A 3 3.79 44.13 -35.79
N SER A 4 3.74 42.97 -36.43
CA SER A 4 3.95 42.84 -37.86
C SER A 4 3.03 41.77 -38.43
N ARG A 5 2.83 41.80 -39.74
CA ARG A 5 2.12 40.75 -40.46
C ARG A 5 3.12 40.04 -41.36
N ASP A 6 3.20 38.72 -41.22
CA ASP A 6 4.07 37.89 -42.04
C ASP A 6 3.28 37.34 -43.24
N LYS A 7 3.92 36.45 -43.99
N LYS A 7 3.92 36.45 -44.00
CA LYS A 7 3.19 35.64 -44.96
CA LYS A 7 3.15 35.69 -44.97
C LYS A 7 2.20 34.76 -44.22
C LYS A 7 2.21 34.75 -44.24
N ASP A 8 1.05 34.51 -44.86
CA ASP A 8 -0.17 33.89 -44.29
C ASP A 8 -0.99 34.91 -43.52
N GLY A 9 -0.54 36.17 -43.42
CA GLY A 9 -1.33 37.27 -42.91
C GLY A 9 -1.50 37.33 -41.40
N SER A 10 -0.86 36.45 -40.64
CA SER A 10 -1.05 36.44 -39.19
C SER A 10 -0.49 37.71 -38.55
N LYS A 11 -0.99 38.02 -37.36
CA LYS A 11 -0.48 39.13 -36.56
C LYS A 11 0.71 38.63 -35.75
N VAL A 12 1.86 39.29 -35.91
CA VAL A 12 3.10 38.91 -35.25
C VAL A 12 3.38 39.90 -34.13
N THR A 13 3.62 39.37 -32.94
CA THR A 13 4.01 40.19 -31.79
C THR A 13 5.48 39.98 -31.53
N THR A 14 6.23 41.08 -31.42
CA THR A 14 7.66 41.03 -31.13
C THR A 14 7.92 41.79 -29.84
N VAL A 15 8.63 41.15 -28.91
CA VAL A 15 8.98 41.76 -27.63
C VAL A 15 10.46 41.53 -27.37
N VAL A 16 10.94 42.13 -26.30
CA VAL A 16 12.25 41.83 -25.75
C VAL A 16 12.01 41.13 -24.43
N ALA A 17 12.59 39.95 -24.27
CA ALA A 17 12.28 39.09 -23.14
C ALA A 17 13.56 38.53 -22.55
N THR A 18 13.47 38.14 -21.28
CA THR A 18 14.57 37.56 -20.53
C THR A 18 14.38 36.05 -20.46
N PRO A 19 15.44 35.28 -20.71
CA PRO A 19 15.32 33.82 -20.61
C PRO A 19 14.96 33.39 -19.19
N GLY A 20 14.13 32.34 -19.10
CA GLY A 20 13.70 31.84 -17.81
C GLY A 20 14.84 31.28 -16.99
N GLN A 21 15.80 30.65 -17.66
CA GLN A 21 16.97 30.09 -17.01
C GLN A 21 18.20 30.50 -17.81
N GLY A 22 19.35 30.41 -17.16
CA GLY A 22 20.59 30.83 -17.78
C GLY A 22 20.84 32.31 -17.54
N PRO A 23 21.77 32.89 -18.29
CA PRO A 23 22.19 34.27 -18.03
C PRO A 23 21.10 35.29 -18.33
N ASP A 24 21.13 36.38 -17.58
CA ASP A 24 20.20 37.51 -17.74
C ASP A 24 20.63 38.35 -18.93
N ARG A 25 20.20 37.92 -20.12
CA ARG A 25 20.48 38.72 -21.30
C ARG A 25 19.22 38.77 -22.16
N PRO A 26 18.61 39.94 -22.31
CA PRO A 26 17.35 40.03 -23.06
C PRO A 26 17.53 39.67 -24.52
N GLN A 27 16.47 39.10 -25.11
CA GLN A 27 16.47 38.68 -26.51
C GLN A 27 15.15 39.07 -27.13
N GLU A 28 15.18 39.33 -28.43
CA GLU A 28 13.94 39.49 -29.17
C GLU A 28 13.19 38.15 -29.24
N VAL A 29 11.91 38.17 -28.92
CA VAL A 29 11.07 36.99 -29.02
C VAL A 29 9.85 37.37 -29.84
N SER A 30 9.60 36.60 -30.91
CA SER A 30 8.48 36.86 -31.82
C SER A 30 7.55 35.65 -31.82
N TYR A 31 6.24 35.91 -31.69
CA TYR A 31 5.24 34.87 -31.69
C TYR A 31 4.00 35.36 -32.43
N THR A 32 3.12 34.41 -32.74
CA THR A 32 1.91 34.70 -33.51
C THR A 32 0.85 33.69 -33.12
N ASP A 33 -0.32 33.82 -33.76
CA ASP A 33 -1.43 32.87 -33.58
C ASP A 33 -1.89 32.81 -32.13
N THR A 34 -2.03 33.96 -31.48
CA THR A 34 -2.40 34.01 -30.07
C THR A 34 -3.90 33.79 -29.89
N LYS A 35 -4.25 33.00 -28.90
CA LYS A 35 -5.65 32.80 -28.54
C LYS A 35 -5.75 32.58 -27.06
N VAL A 36 -6.90 32.93 -26.49
CA VAL A 36 -7.10 32.85 -25.05
C VAL A 36 -7.34 31.39 -24.65
N ILE A 37 -6.53 30.91 -23.72
CA ILE A 37 -6.58 29.52 -23.28
CA ILE A 37 -6.59 29.53 -23.29
C ILE A 37 -7.02 29.38 -21.83
N GLY A 38 -6.91 30.43 -21.02
CA GLY A 38 -7.29 30.38 -19.62
C GLY A 38 -7.54 31.77 -19.06
N ASN A 39 -8.01 31.79 -17.82
CA ASN A 39 -8.56 33.00 -17.25
C ASN A 39 -8.28 33.09 -15.75
N GLY A 40 -8.27 34.32 -15.26
CA GLY A 40 -8.19 34.60 -13.84
C GLY A 40 -8.71 36.00 -13.58
N SER A 41 -8.92 36.31 -12.31
CA SER A 41 -9.34 37.66 -11.95
C SER A 41 -8.26 38.68 -12.21
N PHE A 42 -6.99 38.27 -12.24
CA PHE A 42 -5.86 39.17 -12.42
C PHE A 42 -5.01 38.77 -13.62
N GLY A 43 -5.59 38.16 -14.64
CA GLY A 43 -4.82 37.95 -15.84
C GLY A 43 -5.48 36.99 -16.80
N VAL A 44 -4.68 36.61 -17.80
CA VAL A 44 -5.12 35.82 -18.94
C VAL A 44 -4.00 34.83 -19.29
N VAL A 45 -4.39 33.66 -19.81
CA VAL A 45 -3.42 32.71 -20.32
C VAL A 45 -3.67 32.54 -21.81
N TYR A 46 -2.60 32.61 -22.60
CA TYR A 46 -2.67 32.49 -24.05
C TYR A 46 -1.87 31.31 -24.56
N GLN A 47 -2.31 30.77 -25.68
CA GLN A 47 -1.46 29.95 -26.53
C GLN A 47 -0.89 30.82 -27.65
N ALA A 48 0.36 30.57 -28.02
CA ALA A 48 0.97 31.26 -29.13
C ALA A 48 1.96 30.33 -29.82
N LYS A 49 2.46 30.78 -30.97
CA LYS A 49 3.42 30.01 -31.76
C LYS A 49 4.69 30.85 -31.92
N LEU A 50 5.81 30.33 -31.41
CA LEU A 50 7.08 31.01 -31.56
C LEU A 50 7.47 31.05 -33.02
N CYS A 51 7.91 32.23 -33.49
CA CYS A 51 8.16 32.40 -34.91
C CYS A 51 9.40 31.64 -35.38
N ASP A 52 10.46 31.63 -34.58
CA ASP A 52 11.71 31.02 -35.03
C ASP A 52 11.59 29.49 -35.05
N SER A 53 11.04 28.90 -33.99
CA SER A 53 11.00 27.45 -33.88
C SER A 53 9.67 26.83 -34.29
N GLY A 54 8.60 27.62 -34.38
CA GLY A 54 7.28 27.09 -34.63
C GLY A 54 6.64 26.39 -33.44
N GLU A 55 7.32 26.32 -32.30
CA GLU A 55 6.78 25.61 -31.14
C GLU A 55 5.62 26.36 -30.52
N LEU A 56 4.65 25.61 -30.01
CA LEU A 56 3.58 26.20 -29.24
C LEU A 56 4.09 26.57 -27.86
N VAL A 57 3.67 27.74 -27.38
CA VAL A 57 4.00 28.16 -26.04
C VAL A 57 2.72 28.60 -25.37
N ALA A 58 2.77 28.71 -24.06
CA ALA A 58 1.71 29.34 -23.29
C ALA A 58 2.26 30.65 -22.75
N ILE A 59 1.42 31.67 -22.69
CA ILE A 59 1.82 32.93 -22.11
C ILE A 59 0.84 33.25 -21.01
N LYS A 60 1.33 33.28 -19.78
CA LYS A 60 0.53 33.66 -18.62
C LYS A 60 0.78 35.13 -18.35
N LYS A 61 -0.27 35.96 -18.49
CA LYS A 61 -0.22 37.41 -18.32
C LYS A 61 -0.88 37.76 -17.00
N VAL A 62 -0.10 38.23 -16.04
CA VAL A 62 -0.56 38.46 -14.68
C VAL A 62 -0.39 39.93 -14.35
N LEU A 63 -1.49 40.58 -13.97
CA LEU A 63 -1.46 41.97 -13.54
C LEU A 63 -0.62 42.12 -12.29
N GLN A 64 0.18 43.19 -12.26
CA GLN A 64 1.13 43.46 -11.19
C GLN A 64 0.52 44.43 -10.19
N ASP A 65 0.63 44.10 -8.91
CA ASP A 65 0.18 44.98 -7.84
C ASP A 65 1.22 45.01 -6.74
N LYS A 66 1.34 46.18 -6.10
CA LYS A 66 2.31 46.32 -5.00
C LYS A 66 1.94 45.45 -3.81
N ARG A 67 0.64 45.35 -3.50
CA ARG A 67 0.14 44.52 -2.42
C ARG A 67 -0.16 43.10 -2.87
N PHE A 68 0.14 42.75 -4.12
CA PHE A 68 -0.17 41.42 -4.64
C PHE A 68 0.67 40.36 -3.92
N LYS A 69 1.97 40.60 -3.75
CA LYS A 69 2.90 39.67 -3.10
C LYS A 69 2.93 38.32 -3.82
N ASN A 70 3.46 38.36 -5.04
CA ASN A 70 3.53 37.18 -5.91
C ASN A 70 4.99 36.77 -6.12
N ARG A 71 5.33 35.58 -5.63
CA ARG A 71 6.66 35.02 -5.74
C ARG A 71 6.80 34.11 -6.96
N GLU A 72 5.87 34.23 -7.91
CA GLU A 72 5.76 33.26 -8.99
C GLU A 72 6.96 33.33 -9.92
N LEU A 73 7.36 34.54 -10.35
CA LEU A 73 8.49 34.67 -11.25
C LEU A 73 9.77 34.16 -10.62
N GLN A 74 10.01 34.58 -9.37
CA GLN A 74 11.22 34.18 -8.66
C GLN A 74 11.29 32.66 -8.49
N ILE A 75 10.16 32.03 -8.17
CA ILE A 75 10.16 30.57 -8.03
C ILE A 75 10.39 29.90 -9.38
N MET A 76 9.73 30.40 -10.44
CA MET A 76 9.80 29.74 -11.74
C MET A 76 11.20 29.82 -12.34
N ARG A 77 11.92 30.90 -12.09
CA ARG A 77 13.29 30.99 -12.58
C ARG A 77 14.19 29.95 -11.93
N LYS A 78 13.87 29.52 -10.71
CA LYS A 78 14.69 28.58 -9.97
C LYS A 78 14.39 27.12 -10.30
N LEU A 79 13.24 26.80 -10.89
CA LEU A 79 12.77 25.42 -11.02
C LEU A 79 13.16 24.82 -12.36
N ASP A 80 13.61 23.56 -12.32
CA ASP A 80 13.97 22.84 -13.55
C ASP A 80 13.73 21.36 -13.29
N HIS A 81 12.57 20.86 -13.74
CA HIS A 81 12.17 19.49 -13.43
C HIS A 81 11.24 18.99 -14.53
N CYS A 82 11.31 17.68 -14.81
CA CYS A 82 10.55 17.16 -15.93
C CYS A 82 9.04 17.14 -15.66
N ASN A 83 8.63 17.26 -14.41
CA ASN A 83 7.24 17.29 -14.04
C ASN A 83 6.78 18.68 -13.60
N ILE A 84 7.54 19.71 -13.91
CA ILE A 84 7.12 21.08 -13.67
C ILE A 84 7.24 21.84 -14.97
N VAL A 85 6.25 22.70 -15.26
CA VAL A 85 6.24 23.40 -16.52
C VAL A 85 7.38 24.42 -16.57
N ARG A 86 8.12 24.43 -17.67
CA ARG A 86 9.35 25.21 -17.76
C ARG A 86 9.07 26.64 -18.17
N LEU A 87 9.72 27.58 -17.51
CA LEU A 87 9.69 28.99 -17.89
C LEU A 87 10.69 29.21 -19.01
N ARG A 88 10.21 29.51 -20.21
CA ARG A 88 11.11 29.82 -21.32
C ARG A 88 11.60 31.27 -21.23
N TYR A 89 10.67 32.22 -21.07
CA TYR A 89 10.94 33.64 -21.10
C TYR A 89 9.99 34.34 -20.17
N PHE A 90 10.34 35.56 -19.79
CA PHE A 90 9.40 36.44 -19.12
C PHE A 90 9.68 37.86 -19.59
N PHE A 91 8.61 38.67 -19.61
CA PHE A 91 8.76 40.08 -19.98
C PHE A 91 7.57 40.84 -19.41
N TYR A 92 7.75 42.14 -19.26
CA TYR A 92 6.67 43.00 -18.80
C TYR A 92 6.04 43.71 -19.97
N SER A 93 4.75 44.04 -19.83
CA SER A 93 4.04 44.76 -20.87
C SER A 93 2.99 45.63 -20.19
N SER A 94 2.44 46.57 -20.96
CA SER A 94 1.42 47.48 -20.43
C SER A 94 0.13 47.25 -21.19
N GLY A 95 -0.99 47.32 -20.47
CA GLY A 95 -2.31 47.17 -21.06
C GLY A 95 -2.84 48.46 -21.65
N GLU A 96 -4.12 48.43 -22.00
CA GLU A 96 -4.73 49.58 -22.67
C GLU A 96 -5.00 50.72 -21.72
N LYS A 97 -5.09 50.45 -20.42
CA LYS A 97 -5.37 51.49 -19.43
C LYS A 97 -4.07 51.99 -18.80
N LYS A 98 -4.16 53.15 -18.16
CA LYS A 98 -2.98 53.81 -17.64
C LYS A 98 -2.43 53.08 -16.41
N ASP A 99 -1.12 52.88 -16.40
CA ASP A 99 -0.39 52.25 -15.28
C ASP A 99 -0.79 50.80 -15.10
N GLU A 100 -1.23 50.16 -16.18
CA GLU A 100 -1.63 48.75 -16.18
C GLU A 100 -0.43 47.94 -16.61
N VAL A 101 0.33 47.41 -15.65
CA VAL A 101 1.55 46.67 -15.92
CA VAL A 101 1.55 46.67 -15.92
C VAL A 101 1.29 45.18 -15.73
N TYR A 102 1.69 44.37 -16.71
CA TYR A 102 1.53 42.94 -16.70
C TYR A 102 2.89 42.25 -16.74
N LEU A 103 3.05 41.22 -15.93
CA LEU A 103 4.13 40.26 -16.08
C LEU A 103 3.68 39.14 -17.03
N ASN A 104 4.52 38.82 -18.01
CA ASN A 104 4.24 37.81 -19.02
C ASN A 104 5.20 36.65 -18.84
N LEU A 105 4.64 35.47 -18.58
CA LEU A 105 5.42 34.24 -18.41
C LEU A 105 5.20 33.38 -19.64
N VAL A 106 6.24 33.26 -20.47
CA VAL A 106 6.19 32.38 -21.62
C VAL A 106 6.59 30.99 -21.14
N LEU A 107 5.64 30.06 -21.19
CA LEU A 107 5.78 28.71 -20.68
C LEU A 107 5.71 27.70 -21.83
N ASP A 108 6.24 26.50 -21.58
CA ASP A 108 5.99 25.40 -22.48
C ASP A 108 4.50 25.10 -22.51
N TYR A 109 3.98 24.86 -23.71
CA TYR A 109 2.56 24.56 -23.85
C TYR A 109 2.29 23.08 -23.57
N VAL A 110 1.24 22.81 -22.79
CA VAL A 110 0.75 21.45 -22.57
C VAL A 110 -0.74 21.47 -22.85
N PRO A 111 -1.28 20.54 -23.65
CA PRO A 111 -2.62 20.72 -24.20
C PRO A 111 -3.77 20.46 -23.25
N GLU A 112 -3.59 19.72 -22.15
CA GLU A 112 -4.71 19.33 -21.31
C GLU A 112 -4.35 19.45 -19.84
N THR A 113 -5.37 19.29 -18.99
CA THR A 113 -5.19 19.23 -17.54
C THR A 113 -5.79 17.94 -17.02
N VAL A 114 -5.33 17.52 -15.84
CA VAL A 114 -5.91 16.37 -15.17
C VAL A 114 -7.40 16.62 -14.88
N TYR A 115 -7.74 17.85 -14.51
CA TYR A 115 -9.14 18.19 -14.25
C TYR A 115 -10.03 17.94 -15.48
N ARG A 116 -9.60 18.41 -16.65
CA ARG A 116 -10.44 18.25 -17.84
C ARG A 116 -10.59 16.79 -18.24
N VAL A 117 -9.50 16.03 -18.17
CA VAL A 117 -9.56 14.62 -18.53
C VAL A 117 -10.41 13.86 -17.53
N ALA A 118 -10.24 14.14 -16.24
CA ALA A 118 -11.07 13.48 -15.23
C ALA A 118 -12.54 13.85 -15.41
N ARG A 119 -12.83 15.13 -15.68
CA ARG A 119 -14.21 15.54 -15.90
CA ARG A 119 -14.22 15.53 -15.90
C ARG A 119 -14.81 14.85 -17.12
N HIS A 120 -14.01 14.71 -18.18
CA HIS A 120 -14.46 14.02 -19.38
C HIS A 120 -14.84 12.58 -19.10
N TYR A 121 -13.98 11.87 -18.35
CA TYR A 121 -14.33 10.51 -17.94
C TYR A 121 -15.55 10.50 -17.04
N SER A 122 -15.61 11.44 -16.09
CA SER A 122 -16.74 11.48 -15.17
C SER A 122 -18.05 11.74 -15.91
N ARG A 123 -18.02 12.62 -16.92
CA ARG A 123 -19.24 12.93 -17.66
C ARG A 123 -19.73 11.72 -18.44
N ALA A 124 -18.80 10.85 -18.86
CA ALA A 124 -19.15 9.59 -19.52
C ALA A 124 -19.44 8.47 -18.53
N LYS A 125 -19.61 8.81 -17.24
CA LYS A 125 -19.94 7.85 -16.19
C LYS A 125 -18.89 6.75 -16.12
N GLN A 126 -17.63 7.13 -16.29
CA GLN A 126 -16.51 6.21 -16.30
C GLN A 126 -15.40 6.72 -15.41
N THR A 127 -14.58 5.79 -14.92
CA THR A 127 -13.44 6.15 -14.11
C THR A 127 -12.18 6.08 -14.96
N LEU A 128 -11.22 6.92 -14.62
CA LEU A 128 -9.95 6.89 -15.31
C LEU A 128 -9.28 5.53 -15.06
N PRO A 129 -8.72 4.90 -16.09
CA PRO A 129 -8.03 3.62 -15.88
C PRO A 129 -6.88 3.78 -14.90
N VAL A 130 -6.70 2.75 -14.07
CA VAL A 130 -5.84 2.85 -12.89
C VAL A 130 -4.39 3.14 -13.27
N ILE A 131 -3.96 2.69 -14.46
CA ILE A 131 -2.59 2.93 -14.89
C ILE A 131 -2.34 4.42 -15.04
N TYR A 132 -3.35 5.17 -15.48
CA TYR A 132 -3.18 6.63 -15.59
C TYR A 132 -3.23 7.28 -14.22
N VAL A 133 -4.07 6.75 -13.32
CA VAL A 133 -4.08 7.23 -11.94
C VAL A 133 -2.72 7.04 -11.30
N LYS A 134 -2.09 5.88 -11.50
CA LYS A 134 -0.74 5.68 -10.98
C LYS A 134 0.24 6.65 -11.62
N LEU A 135 0.19 6.78 -12.96
CA LEU A 135 1.15 7.63 -13.67
C LEU A 135 1.00 9.09 -13.27
N TYR A 136 -0.24 9.59 -13.20
CA TYR A 136 -0.47 10.99 -12.87
C TYR A 136 -0.07 11.28 -11.42
N MET A 137 -0.49 10.40 -10.50
CA MET A 137 -0.17 10.65 -9.09
C MET A 137 1.33 10.54 -8.84
N TYR A 138 1.99 9.57 -9.48
CA TYR A 138 3.42 9.39 -9.29
C TYR A 138 4.19 10.63 -9.73
N GLN A 139 3.84 11.17 -10.91
CA GLN A 139 4.56 12.34 -11.40
C GLN A 139 4.27 13.57 -10.53
N LEU A 140 3.03 13.69 -10.03
CA LEU A 140 2.72 14.75 -9.09
C LEU A 140 3.57 14.62 -7.83
N PHE A 141 3.65 13.43 -7.24
CA PHE A 141 4.43 13.27 -6.02
C PHE A 141 5.90 13.53 -6.28
N ARG A 142 6.35 13.17 -7.47
CA ARG A 142 7.71 13.47 -7.88
C ARG A 142 7.95 14.98 -7.92
N SER A 143 7.01 15.74 -8.51
CA SER A 143 7.21 17.19 -8.57
C SER A 143 7.14 17.83 -7.19
N LEU A 144 6.32 17.28 -6.29
CA LEU A 144 6.29 17.80 -4.94
C LEU A 144 7.58 17.50 -4.19
N ALA A 145 8.17 16.32 -4.44
CA ALA A 145 9.46 16.01 -3.83
C ALA A 145 10.53 17.01 -4.26
N TYR A 146 10.48 17.45 -5.53
CA TYR A 146 11.45 18.42 -6.03
C TYR A 146 11.28 19.78 -5.34
N ILE A 147 10.08 20.37 -5.42
CA ILE A 147 9.92 21.73 -4.88
C ILE A 147 10.08 21.74 -3.38
N HIS A 148 9.63 20.67 -2.69
CA HIS A 148 9.74 20.67 -1.23
C HIS A 148 11.18 20.62 -0.79
N SER A 149 12.06 20.03 -1.61
CA SER A 149 13.48 19.98 -1.26
C SER A 149 14.12 21.37 -1.20
N PHE A 150 13.52 22.37 -1.85
CA PHE A 150 13.93 23.76 -1.75
C PHE A 150 13.18 24.51 -0.66
N GLY A 151 12.32 23.83 0.08
CA GLY A 151 11.46 24.48 1.03
C GLY A 151 10.24 25.12 0.43
N ILE A 152 10.01 24.93 -0.87
CA ILE A 152 8.96 25.63 -1.60
C ILE A 152 7.69 24.78 -1.55
N CYS A 153 6.63 25.38 -1.05
CA CYS A 153 5.33 24.74 -0.93
C CYS A 153 4.40 25.37 -1.96
N HIS A 154 3.74 24.50 -2.73
CA HIS A 154 2.92 24.99 -3.84
C HIS A 154 1.71 25.75 -3.34
N ARG A 155 1.00 25.17 -2.38
CA ARG A 155 -0.14 25.75 -1.66
C ARG A 155 -1.39 25.83 -2.50
N ASP A 156 -1.39 25.34 -3.74
CA ASP A 156 -2.63 25.32 -4.51
C ASP A 156 -2.72 24.06 -5.37
N ILE A 157 -2.42 22.89 -4.78
CA ILE A 157 -2.47 21.63 -5.52
C ILE A 157 -3.94 21.26 -5.78
N LYS A 158 -4.30 21.16 -7.05
CA LYS A 158 -5.64 20.82 -7.51
C LYS A 158 -5.54 20.28 -8.94
N PRO A 159 -6.58 19.62 -9.45
CA PRO A 159 -6.49 19.04 -10.82
C PRO A 159 -6.34 20.07 -11.92
N GLN A 160 -6.91 21.27 -11.75
CA GLN A 160 -6.78 22.31 -12.76
C GLN A 160 -5.33 22.79 -12.89
N ASN A 161 -4.53 22.66 -11.84
CA ASN A 161 -3.13 23.06 -11.87
C ASN A 161 -2.18 21.91 -12.22
N LEU A 162 -2.69 20.84 -12.81
CA LEU A 162 -1.90 19.69 -13.23
C LEU A 162 -1.99 19.57 -14.76
N LEU A 163 -0.96 20.04 -15.45
CA LEU A 163 -0.98 19.97 -16.91
C LEU A 163 -0.70 18.54 -17.36
N LEU A 164 -1.22 18.22 -18.53
CA LEU A 164 -1.26 16.83 -18.95
C LEU A 164 -1.15 16.74 -20.46
N ASP A 165 -0.18 15.94 -20.94
CA ASP A 165 -0.13 15.58 -22.35
C ASP A 165 -0.69 14.18 -22.48
N PRO A 166 -1.92 14.01 -23.00
CA PRO A 166 -2.54 12.67 -23.06
C PRO A 166 -1.80 11.68 -23.94
N ASP A 167 -1.13 12.13 -25.00
CA ASP A 167 -0.38 11.21 -25.85
C ASP A 167 0.75 10.53 -25.10
N THR A 168 1.49 11.30 -24.28
CA THR A 168 2.65 10.77 -23.59
C THR A 168 2.37 10.43 -22.13
N ALA A 169 1.22 10.83 -21.59
CA ALA A 169 0.91 10.69 -20.18
C ALA A 169 1.86 11.49 -19.27
N VAL A 170 2.51 12.53 -19.80
CA VAL A 170 3.40 13.37 -18.98
C VAL A 170 2.57 14.38 -18.22
N LEU A 171 2.85 14.51 -16.93
CA LEU A 171 2.20 15.49 -16.06
C LEU A 171 3.20 16.60 -15.72
N LYS A 172 2.73 17.84 -15.70
CA LYS A 172 3.54 18.99 -15.36
C LYS A 172 2.76 19.87 -14.42
N LEU A 173 3.26 20.03 -13.20
CA LEU A 173 2.70 20.96 -12.24
C LEU A 173 2.87 22.40 -12.75
N CYS A 174 1.83 23.22 -12.57
CA CYS A 174 1.83 24.62 -13.02
C CYS A 174 1.16 25.50 -11.97
N ASP A 175 1.03 26.80 -12.28
CA ASP A 175 0.35 27.78 -11.42
C ASP A 175 1.03 27.89 -10.05
N PHE A 176 2.21 28.52 -10.07
CA PHE A 176 2.93 28.83 -8.84
C PHE A 176 2.54 30.18 -8.27
N GLY A 177 1.32 30.64 -8.54
CA GLY A 177 0.87 31.94 -8.06
C GLY A 177 0.58 32.01 -6.57
N SER A 178 0.49 30.87 -5.88
CA SER A 178 0.31 30.83 -4.42
C SER A 178 1.53 30.27 -3.71
N ALA A 179 2.57 29.90 -4.45
CA ALA A 179 3.72 29.18 -3.91
C ALA A 179 4.61 30.09 -3.08
N LYS A 180 5.22 29.49 -2.05
CA LYS A 180 6.05 30.23 -1.11
C LYS A 180 7.14 29.32 -0.57
N GLN A 181 8.32 29.90 -0.33
CA GLN A 181 9.38 29.17 0.35
C GLN A 181 9.13 29.27 1.85
N LEU A 182 8.68 28.18 2.46
CA LEU A 182 8.35 28.24 3.87
C LEU A 182 9.61 28.26 4.72
N VAL A 183 9.69 29.21 5.63
CA VAL A 183 10.82 29.34 6.55
C VAL A 183 10.32 29.06 7.95
N ARG A 184 11.04 28.19 8.67
CA ARG A 184 10.66 27.82 10.03
C ARG A 184 10.68 29.04 10.94
N GLY A 185 9.60 29.21 11.71
CA GLY A 185 9.47 30.34 12.59
C GLY A 185 8.84 31.57 11.97
N GLU A 186 8.79 31.64 10.63
CA GLU A 186 8.15 32.76 9.96
C GLU A 186 6.74 32.35 9.56
N PRO A 187 5.71 33.04 10.05
CA PRO A 187 4.33 32.58 9.83
C PRO A 187 3.89 32.68 8.38
N ASN A 188 2.93 31.83 8.03
CA ASN A 188 2.35 31.82 6.70
C ASN A 188 0.84 32.00 6.80
N VAL A 189 0.27 32.66 5.79
CA VAL A 189 -1.16 32.92 5.79
C VAL A 189 -1.91 31.60 5.70
N SER A 190 -2.89 31.43 6.57
CA SER A 190 -3.64 30.18 6.62
C SER A 190 -4.84 30.16 5.68
N TYR A 191 -5.30 31.31 5.19
CA TYR A 191 -6.35 31.31 4.17
C TYR A 191 -5.67 31.20 2.82
N ILE A 192 -5.38 29.96 2.43
CA ILE A 192 -4.63 29.68 1.21
C ILE A 192 -5.16 28.37 0.66
N CYS A 193 -4.87 28.08 -0.61
CA CYS A 193 -5.24 26.83 -1.26
C CYS A 193 -6.73 26.76 -1.57
N SER A 194 -7.09 26.17 -2.71
CA SER A 194 -8.49 26.05 -3.11
CA SER A 194 -8.49 26.07 -3.10
C SER A 194 -9.26 25.16 -2.15
N ARG A 195 -10.53 25.52 -1.93
CA ARG A 195 -11.29 25.03 -0.78
C ARG A 195 -11.37 23.51 -0.72
N TYR A 196 -11.68 22.85 -1.85
CA TYR A 196 -11.85 21.40 -1.86
C TYR A 196 -10.57 20.67 -1.50
N TYR A 197 -9.42 21.31 -1.69
CA TYR A 197 -8.13 20.68 -1.56
C TYR A 197 -7.36 21.22 -0.36
N ARG A 198 -8.01 22.02 0.48
CA ARG A 198 -7.36 22.74 1.56
C ARG A 198 -7.18 21.84 2.78
N ALA A 199 -5.95 21.73 3.26
CA ALA A 199 -5.65 20.92 4.43
C ALA A 199 -6.42 21.40 5.67
N PRO A 200 -6.81 20.48 6.56
CA PRO A 200 -7.61 20.89 7.73
C PRO A 200 -6.90 21.85 8.68
N GLU A 201 -5.57 21.76 8.81
CA GLU A 201 -4.89 22.69 9.71
C GLU A 201 -4.97 24.12 9.19
N LEU A 202 -5.05 24.29 7.87
CA LEU A 202 -5.28 25.62 7.32
C LEU A 202 -6.65 26.14 7.74
N ILE A 203 -7.68 25.29 7.65
CA ILE A 203 -9.03 25.71 8.02
C ILE A 203 -9.10 26.05 9.52
N PHE A 204 -8.31 25.36 10.35
CA PHE A 204 -8.17 25.69 11.76
C PHE A 204 -7.36 26.96 12.01
N GLY A 205 -6.83 27.58 10.96
CA GLY A 205 -6.09 28.82 11.10
C GLY A 205 -4.63 28.70 11.46
N ALA A 206 -4.03 27.52 11.33
CA ALA A 206 -2.60 27.38 11.64
C ALA A 206 -1.78 28.23 10.69
N THR A 207 -0.84 28.98 11.23
CA THR A 207 0.10 29.75 10.42
C THR A 207 1.48 29.12 10.40
N ASP A 208 1.72 28.09 11.20
CA ASP A 208 2.99 27.39 11.24
C ASP A 208 2.96 26.07 10.48
N TYR A 209 2.12 25.98 9.46
CA TYR A 209 2.03 24.74 8.71
C TYR A 209 3.27 24.56 7.84
N THR A 210 3.37 23.38 7.24
CA THR A 210 4.53 22.98 6.48
C THR A 210 4.11 22.62 5.06
N SER A 211 5.06 22.08 4.31
CA SER A 211 4.77 21.68 2.94
C SER A 211 3.86 20.46 2.85
N SER A 212 3.53 19.80 3.98
CA SER A 212 2.61 18.69 3.97
C SER A 212 1.17 19.09 3.62
N ILE A 213 0.85 20.38 3.55
CA ILE A 213 -0.46 20.75 3.04
C ILE A 213 -0.62 20.33 1.59
N ASP A 214 0.48 20.28 0.84
CA ASP A 214 0.45 19.79 -0.55
C ASP A 214 0.12 18.30 -0.62
N VAL A 215 0.60 17.53 0.36
CA VAL A 215 0.32 16.09 0.35
C VAL A 215 -1.16 15.83 0.66
N TRP A 216 -1.76 16.62 1.56
CA TRP A 216 -3.22 16.55 1.74
C TRP A 216 -3.94 16.85 0.43
N SER A 217 -3.52 17.93 -0.25
CA SER A 217 -4.13 18.27 -1.53
C SER A 217 -3.95 17.15 -2.55
N ALA A 218 -2.76 16.54 -2.58
CA ALA A 218 -2.56 15.41 -3.49
C ALA A 218 -3.50 14.26 -3.15
N GLY A 219 -3.71 14.01 -1.85
CA GLY A 219 -4.67 12.99 -1.45
C GLY A 219 -6.08 13.27 -1.95
N CYS A 220 -6.52 14.54 -1.85
CA CYS A 220 -7.80 14.95 -2.41
C CYS A 220 -7.85 14.70 -3.92
N VAL A 221 -6.75 14.97 -4.63
CA VAL A 221 -6.72 14.74 -6.07
C VAL A 221 -6.85 13.24 -6.37
N LEU A 222 -6.07 12.41 -5.66
CA LEU A 222 -6.15 10.96 -5.86
C LEU A 222 -7.55 10.43 -5.57
N ALA A 223 -8.15 10.88 -4.46
CA ALA A 223 -9.51 10.47 -4.12
C ALA A 223 -10.51 10.88 -5.19
N GLU A 224 -10.37 12.11 -5.71
CA GLU A 224 -11.23 12.58 -6.79
C GLU A 224 -11.06 11.73 -8.05
N LEU A 225 -9.82 11.34 -8.38
CA LEU A 225 -9.61 10.47 -9.54
C LEU A 225 -10.29 9.12 -9.36
N LEU A 226 -10.29 8.59 -8.14
CA LEU A 226 -10.98 7.34 -7.86
C LEU A 226 -12.50 7.51 -7.79
N LEU A 227 -12.96 8.65 -7.28
CA LEU A 227 -14.39 8.83 -7.08
CA LEU A 227 -14.39 8.85 -7.07
C LEU A 227 -15.11 9.36 -8.31
N GLY A 228 -14.45 10.19 -9.12
CA GLY A 228 -15.10 10.89 -10.21
C GLY A 228 -15.60 12.28 -9.87
N GLN A 229 -15.49 12.69 -8.62
CA GLN A 229 -15.86 14.03 -8.17
C GLN A 229 -15.01 14.34 -6.95
N PRO A 230 -14.98 15.59 -6.51
CA PRO A 230 -14.21 15.94 -5.31
C PRO A 230 -14.71 15.19 -4.10
N ILE A 231 -13.78 14.79 -3.22
CA ILE A 231 -14.19 13.98 -2.07
C ILE A 231 -14.74 14.86 -0.95
N PHE A 232 -14.29 16.11 -0.86
CA PHE A 232 -14.68 17.02 0.21
C PHE A 232 -15.25 18.29 -0.40
N PRO A 233 -16.52 18.27 -0.81
CA PRO A 233 -17.15 19.46 -1.45
C PRO A 233 -17.77 20.46 -0.48
N GLY A 234 -16.93 21.22 0.21
CA GLY A 234 -17.43 22.19 1.17
C GLY A 234 -18.10 23.38 0.48
N ASP A 235 -19.16 23.90 1.13
CA ASP A 235 -19.81 25.13 0.70
C ASP A 235 -19.08 26.39 1.19
N SER A 236 -18.13 26.23 2.10
CA SER A 236 -17.42 27.36 2.70
C SER A 236 -16.23 26.78 3.47
N GLY A 237 -15.46 27.66 4.08
CA GLY A 237 -14.28 27.23 4.81
C GLY A 237 -14.60 26.32 5.98
N VAL A 238 -15.57 26.70 6.80
CA VAL A 238 -15.96 25.86 7.93
CA VAL A 238 -15.96 25.86 7.93
C VAL A 238 -16.68 24.61 7.42
N ASP A 239 -17.50 24.77 6.38
CA ASP A 239 -18.21 23.62 5.83
C ASP A 239 -17.25 22.61 5.22
N GLN A 240 -16.13 23.11 4.67
CA GLN A 240 -15.11 22.22 4.14
C GLN A 240 -14.55 21.31 5.23
N LEU A 241 -14.32 21.87 6.43
CA LEU A 241 -13.87 21.05 7.54
C LEU A 241 -14.96 20.07 7.96
N VAL A 242 -16.22 20.49 7.90
CA VAL A 242 -17.31 19.58 8.22
C VAL A 242 -17.35 18.43 7.22
N GLU A 243 -17.11 18.72 5.93
CA GLU A 243 -17.15 17.66 4.94
C GLU A 243 -16.02 16.67 5.16
N ILE A 244 -14.86 17.18 5.58
CA ILE A 244 -13.76 16.30 5.94
C ILE A 244 -14.11 15.42 7.13
N ILE A 245 -14.68 16.02 8.17
CA ILE A 245 -15.02 15.26 9.38
C ILE A 245 -16.12 14.26 9.10
N LYS A 246 -16.98 14.52 8.12
CA LYS A 246 -18.06 13.59 7.79
C LYS A 246 -17.50 12.28 7.24
N VAL A 247 -16.34 12.32 6.61
CA VAL A 247 -15.71 11.13 6.09
C VAL A 247 -14.74 10.53 7.09
N LEU A 248 -13.83 11.34 7.62
CA LEU A 248 -12.72 10.81 8.43
C LEU A 248 -13.07 10.64 9.89
N GLY A 249 -14.23 11.13 10.33
CA GLY A 249 -14.57 11.17 11.73
C GLY A 249 -13.95 12.37 12.42
N THR A 250 -14.43 12.65 13.61
CA THR A 250 -13.91 13.79 14.37
C THR A 250 -12.44 13.54 14.73
N PRO A 251 -11.55 14.50 14.48
CA PRO A 251 -10.15 14.33 14.89
C PRO A 251 -10.03 14.18 16.39
N THR A 252 -9.10 13.33 16.82
CA THR A 252 -8.83 13.17 18.24
C THR A 252 -8.14 14.42 18.79
N ARG A 253 -8.10 14.52 20.12
CA ARG A 253 -7.41 15.63 20.78
C ARG A 253 -5.95 15.71 20.35
N GLU A 254 -5.30 14.56 20.23
CA GLU A 254 -3.90 14.56 19.81
CA GLU A 254 -3.92 14.52 19.80
C GLU A 254 -3.75 14.98 18.36
N GLN A 255 -4.74 14.67 17.50
CA GLN A 255 -4.65 15.13 16.12
C GLN A 255 -4.95 16.62 16.02
N ILE A 256 -5.90 17.10 16.83
CA ILE A 256 -6.17 18.53 16.88
C ILE A 256 -4.91 19.29 17.31
N ARG A 257 -4.19 18.76 18.32
CA ARG A 257 -2.97 19.39 18.79
C ARG A 257 -1.92 19.49 17.69
N GLU A 258 -1.87 18.49 16.82
CA GLU A 258 -0.87 18.52 15.75
C GLU A 258 -1.27 19.47 14.65
N MET A 259 -2.58 19.74 14.49
CA MET A 259 -3.02 20.65 13.45
C MET A 259 -2.94 22.09 13.94
N ASN A 260 -3.54 22.37 15.09
CA ASN A 260 -3.50 23.69 15.72
C ASN A 260 -3.68 23.52 17.23
N PRO A 261 -2.61 23.70 18.02
CA PRO A 261 -2.72 23.47 19.47
C PRO A 261 -3.70 24.39 20.19
N ASN A 262 -4.16 25.49 19.57
CA ASN A 262 -5.15 26.35 20.22
C ASN A 262 -6.53 25.70 20.36
N TYR A 263 -6.75 24.52 19.80
CA TYR A 263 -8.05 23.87 19.81
C TYR A 263 -8.09 22.58 20.62
N THR A 264 -7.00 22.24 21.33
CA THR A 264 -6.91 20.93 21.97
C THR A 264 -7.94 20.75 23.09
N GLU A 265 -8.37 21.85 23.71
CA GLU A 265 -9.23 21.77 24.88
C GLU A 265 -10.71 21.68 24.55
N PHE A 266 -11.09 21.86 23.30
CA PHE A 266 -12.50 21.89 22.95
C PHE A 266 -13.05 20.48 22.78
N LYS A 267 -14.23 20.25 23.33
CA LYS A 267 -14.93 18.98 23.17
C LYS A 267 -15.86 19.10 21.96
N PHE A 268 -15.43 18.56 20.81
CA PHE A 268 -16.23 18.51 19.60
C PHE A 268 -17.09 17.25 19.55
N PRO A 269 -18.26 17.34 18.93
CA PRO A 269 -19.10 16.15 18.73
C PRO A 269 -18.38 15.07 17.95
N GLN A 270 -18.59 13.83 18.35
CA GLN A 270 -17.91 12.67 17.75
C GLN A 270 -18.73 12.20 16.55
N ILE A 271 -18.25 12.51 15.35
CA ILE A 271 -18.93 12.13 14.12
C ILE A 271 -18.33 10.80 13.67
N LYS A 272 -19.19 9.79 13.48
CA LYS A 272 -18.69 8.48 13.06
C LYS A 272 -18.16 8.57 11.63
N ALA A 273 -16.94 8.05 11.44
CA ALA A 273 -16.29 8.03 10.13
C ALA A 273 -16.97 7.05 9.17
N HIS A 274 -16.92 7.38 7.89
CA HIS A 274 -17.20 6.38 6.86
C HIS A 274 -15.99 5.47 6.74
N PRO A 275 -16.17 4.15 6.73
CA PRO A 275 -15.03 3.27 6.46
C PRO A 275 -14.48 3.54 5.07
N TRP A 276 -13.13 3.46 4.97
CA TRP A 276 -12.44 3.76 3.72
C TRP A 276 -12.95 2.90 2.58
N THR A 277 -13.31 1.64 2.85
CA THR A 277 -13.78 0.78 1.77
C THR A 277 -15.17 1.15 1.29
N LYS A 278 -15.93 1.93 2.07
CA LYS A 278 -17.24 2.40 1.65
C LYS A 278 -17.18 3.78 1.02
N VAL A 279 -16.08 4.51 1.16
CA VAL A 279 -15.96 5.82 0.54
C VAL A 279 -15.95 5.69 -0.97
N PHE A 280 -15.26 4.68 -1.50
CA PHE A 280 -15.05 4.51 -2.93
C PHE A 280 -15.94 3.40 -3.48
N ARG A 281 -15.96 3.29 -4.80
CA ARG A 281 -16.70 2.21 -5.46
C ARG A 281 -16.13 0.85 -5.05
N PRO A 282 -16.97 -0.20 -5.07
CA PRO A 282 -16.49 -1.55 -4.66
C PRO A 282 -15.26 -2.04 -5.38
N ARG A 283 -15.11 -1.76 -6.67
CA ARG A 283 -14.00 -2.30 -7.45
C ARG A 283 -12.79 -1.37 -7.50
N THR A 284 -12.78 -0.32 -6.71
CA THR A 284 -11.61 0.53 -6.60
C THR A 284 -10.43 -0.28 -6.05
N PRO A 285 -9.25 -0.19 -6.67
CA PRO A 285 -8.10 -1.02 -6.25
C PRO A 285 -7.69 -0.75 -4.82
N PRO A 286 -7.47 -1.81 -4.03
CA PRO A 286 -7.27 -1.61 -2.58
C PRO A 286 -6.00 -0.86 -2.23
N GLU A 287 -4.97 -0.94 -3.08
CA GLU A 287 -3.77 -0.15 -2.82
C GLU A 287 -4.02 1.33 -3.06
N ALA A 288 -4.90 1.69 -3.99
CA ALA A 288 -5.24 3.10 -4.14
C ALA A 288 -5.92 3.63 -2.89
N ILE A 289 -6.83 2.84 -2.30
CA ILE A 289 -7.50 3.24 -1.07
C ILE A 289 -6.49 3.35 0.07
N ALA A 290 -5.56 2.39 0.15
CA ALA A 290 -4.58 2.40 1.24
C ALA A 290 -3.69 3.62 1.14
N LEU A 291 -3.18 3.91 -0.06
CA LEU A 291 -2.31 5.07 -0.24
C LEU A 291 -3.05 6.35 0.10
N CYS A 292 -4.30 6.45 -0.34
CA CYS A 292 -5.14 7.59 0.00
C CYS A 292 -5.31 7.76 1.52
N SER A 293 -5.42 6.65 2.26
CA SER A 293 -5.56 6.75 3.71
C SER A 293 -4.29 7.26 4.40
N ARG A 294 -3.14 7.16 3.73
CA ARG A 294 -1.91 7.67 4.31
C ARG A 294 -1.61 9.10 3.90
N LEU A 295 -2.40 9.66 2.98
CA LEU A 295 -2.29 11.06 2.60
C LEU A 295 -3.29 11.92 3.34
N LEU A 296 -4.52 11.44 3.48
CA LEU A 296 -5.59 12.19 4.13
C LEU A 296 -5.60 11.91 5.65
N GLU A 297 -4.48 12.22 6.29
CA GLU A 297 -4.35 12.15 7.75
C GLU A 297 -4.51 13.53 8.36
N TYR A 298 -5.22 13.60 9.48
CA TYR A 298 -5.33 14.87 10.20
C TYR A 298 -3.96 15.36 10.63
N THR A 299 -3.18 14.49 11.27
CA THR A 299 -1.88 14.88 11.79
C THR A 299 -0.92 15.10 10.63
N PRO A 300 -0.44 16.32 10.40
CA PRO A 300 0.34 16.58 9.19
C PRO A 300 1.64 15.81 9.10
N THR A 301 2.36 15.63 10.23
CA THR A 301 3.59 14.84 10.22
C THR A 301 3.35 13.35 9.97
N ALA A 302 2.12 12.86 10.14
CA ALA A 302 1.79 11.48 9.81
C ALA A 302 1.51 11.26 8.33
N ARG A 303 1.32 12.32 7.56
CA ARG A 303 1.14 12.14 6.13
C ARG A 303 2.46 11.67 5.51
N LEU A 304 2.35 10.84 4.48
CA LEU A 304 3.55 10.42 3.76
C LEU A 304 4.23 11.63 3.14
N THR A 305 5.56 11.63 3.14
CA THR A 305 6.29 12.58 2.32
C THR A 305 6.17 12.18 0.86
N PRO A 306 6.34 13.14 -0.06
CA PRO A 306 6.19 12.83 -1.49
C PRO A 306 7.13 11.75 -1.98
N LEU A 307 8.36 11.70 -1.45
CA LEU A 307 9.26 10.60 -1.78
C LEU A 307 8.75 9.26 -1.25
N GLU A 308 8.24 9.24 -0.01
CA GLU A 308 7.65 8.01 0.50
C GLU A 308 6.45 7.61 -0.34
N ALA A 309 5.64 8.59 -0.76
CA ALA A 309 4.47 8.28 -1.56
C ALA A 309 4.86 7.64 -2.88
N CYS A 310 5.92 8.16 -3.51
CA CYS A 310 6.46 7.58 -4.73
C CYS A 310 6.90 6.14 -4.52
N ALA A 311 7.37 5.80 -3.32
CA ALA A 311 7.81 4.44 -3.02
C ALA A 311 6.67 3.54 -2.57
N HIS A 312 5.44 4.05 -2.50
CA HIS A 312 4.32 3.25 -2.02
C HIS A 312 4.03 2.12 -3.00
N SER A 313 3.49 1.02 -2.48
CA SER A 313 3.30 -0.19 -3.28
C SER A 313 2.27 0.01 -4.37
N PHE A 314 1.44 1.06 -4.27
CA PHE A 314 0.47 1.35 -5.32
C PHE A 314 1.15 1.68 -6.65
N PHE A 315 2.39 2.16 -6.60
CA PHE A 315 3.14 2.47 -7.80
C PHE A 315 4.07 1.35 -8.25
N ASP A 316 3.92 0.12 -7.71
CA ASP A 316 4.84 -0.95 -8.09
C ASP A 316 4.76 -1.28 -9.57
N GLU A 317 3.55 -1.24 -10.14
CA GLU A 317 3.37 -1.55 -11.56
C GLU A 317 4.18 -0.60 -12.45
N LEU A 318 4.36 0.66 -12.02
CA LEU A 318 5.20 1.59 -12.75
C LEU A 318 6.66 1.14 -12.74
N ARG A 319 7.09 0.46 -11.70
CA ARG A 319 8.47 -0.01 -11.60
C ARG A 319 8.69 -1.35 -12.28
N ASP A 320 7.63 -1.99 -12.76
CA ASP A 320 7.77 -3.23 -13.49
C ASP A 320 8.47 -2.96 -14.81
N PRO A 321 9.48 -3.76 -15.17
CA PRO A 321 10.20 -3.51 -16.44
C PRO A 321 9.34 -3.72 -17.68
N ASN A 322 8.26 -4.48 -17.58
CA ASN A 322 7.36 -4.74 -18.71
C ASN A 322 6.26 -3.69 -18.86
N VAL A 323 6.17 -2.71 -17.96
CA VAL A 323 5.05 -1.76 -17.99
C VAL A 323 5.14 -0.89 -19.22
N LYS A 324 3.99 -0.64 -19.84
CA LYS A 324 3.89 0.27 -20.98
C LYS A 324 2.53 0.93 -20.95
N LEU A 325 2.40 2.06 -21.67
CA LEU A 325 1.11 2.71 -21.76
C LEU A 325 0.13 1.84 -22.54
N PRO A 326 -1.17 1.98 -22.28
CA PRO A 326 -2.16 1.15 -22.98
C PRO A 326 -2.17 1.35 -24.49
N ASN A 327 -1.87 2.55 -24.98
CA ASN A 327 -1.83 2.79 -26.42
C ASN A 327 -0.70 2.03 -27.10
N GLY A 328 0.34 1.64 -26.36
CA GLY A 328 1.44 0.90 -26.90
C GLY A 328 2.80 1.49 -26.58
N ARG A 329 2.90 2.81 -26.56
CA ARG A 329 4.18 3.46 -26.29
C ARG A 329 4.54 3.30 -24.81
N ASP A 330 5.83 3.40 -24.53
CA ASP A 330 6.31 3.14 -23.18
C ASP A 330 6.07 4.34 -22.30
N THR A 331 6.23 4.12 -20.99
CA THR A 331 5.91 5.13 -20.01
C THR A 331 6.88 6.30 -20.12
N PRO A 332 6.46 7.49 -19.69
CA PRO A 332 7.39 8.62 -19.62
C PRO A 332 8.50 8.42 -18.61
N ALA A 333 9.41 9.40 -18.52
CA ALA A 333 10.52 9.32 -17.58
C ALA A 333 10.00 9.27 -16.16
N LEU A 334 10.47 8.28 -15.39
CA LEU A 334 9.96 8.02 -14.04
C LEU A 334 11.03 7.81 -12.99
N PHE A 335 12.26 7.49 -13.37
CA PHE A 335 13.28 7.06 -12.42
C PHE A 335 14.58 7.86 -12.54
N ASN A 336 14.59 8.95 -13.29
CA ASN A 336 15.77 9.80 -13.42
C ASN A 336 15.86 10.81 -12.28
N PHE A 337 15.94 10.29 -11.06
CA PHE A 337 15.97 11.14 -9.87
C PHE A 337 17.31 11.87 -9.74
N THR A 338 17.25 13.13 -9.32
CA THR A 338 18.45 13.89 -9.02
C THR A 338 18.75 13.87 -7.52
N THR A 339 19.99 14.27 -7.20
CA THR A 339 20.39 14.34 -5.81
C THR A 339 19.53 15.34 -5.04
N GLN A 340 19.21 16.47 -5.69
CA GLN A 340 18.30 17.44 -5.10
C GLN A 340 16.94 16.81 -4.81
N GLU A 341 16.44 16.02 -5.75
CA GLU A 341 15.12 15.41 -5.61
C GLU A 341 15.09 14.42 -4.46
N LEU A 342 16.15 13.63 -4.29
CA LEU A 342 16.24 12.57 -3.29
C LEU A 342 16.75 13.06 -1.94
N SER A 343 17.00 14.37 -1.78
CA SER A 343 17.69 14.89 -0.60
C SER A 343 16.92 14.65 0.69
N SER A 344 15.59 14.51 0.61
CA SER A 344 14.84 14.25 1.84
C SER A 344 15.17 12.89 2.43
N ASN A 345 15.25 11.87 1.58
CA ASN A 345 15.56 10.51 2.03
C ASN A 345 16.42 9.83 0.99
N PRO A 346 17.72 10.13 0.98
CA PRO A 346 18.64 9.59 -0.03
C PRO A 346 18.66 8.07 -0.09
N PRO A 347 18.56 7.36 1.05
CA PRO A 347 18.49 5.89 0.97
C PRO A 347 17.33 5.34 0.17
N LEU A 348 16.24 6.09 -0.01
CA LEU A 348 15.07 5.57 -0.73
C LEU A 348 15.33 5.33 -2.21
N ALA A 349 16.44 5.83 -2.75
CA ALA A 349 16.72 5.65 -4.18
C ALA A 349 16.83 4.18 -4.56
N THR A 350 17.26 3.33 -3.63
CA THR A 350 17.38 1.91 -3.92
C THR A 350 16.01 1.26 -4.13
N ILE A 351 14.94 1.90 -3.65
CA ILE A 351 13.58 1.45 -3.93
C ILE A 351 12.97 2.19 -5.11
N LEU A 352 13.20 3.51 -5.18
CA LEU A 352 12.61 4.30 -6.24
C LEU A 352 13.21 3.96 -7.60
N ILE A 353 14.48 3.60 -7.65
CA ILE A 353 15.16 3.31 -8.91
C ILE A 353 15.34 1.80 -9.04
N PRO A 354 14.50 1.12 -9.81
CA PRO A 354 14.60 -0.33 -9.92
C PRO A 354 15.84 -0.73 -10.70
N PRO A 355 16.27 -2.00 -10.59
CA PRO A 355 17.51 -2.40 -11.28
C PRO A 355 17.49 -2.23 -12.79
N HIS A 356 16.34 -2.45 -13.44
CA HIS A 356 16.30 -2.33 -14.89
C HIS A 356 16.55 -0.90 -15.35
N ALA A 357 16.16 0.10 -14.55
CA ALA A 357 16.46 1.49 -14.90
C ALA A 357 17.83 1.94 -14.42
N ARG A 358 18.42 1.21 -13.46
CA ARG A 358 19.81 1.49 -13.10
C ARG A 358 20.76 1.04 -14.20
N HIS A 359 20.47 -0.13 -14.81
CA HIS A 359 21.19 -0.73 -15.97
C HIS A 359 22.71 -0.56 -15.99
N SER B 10 7.73 -39.48 40.53
CA SER B 10 7.07 -40.46 39.67
C SER B 10 8.06 -41.18 38.78
N LYS B 11 8.08 -40.81 37.50
CA LYS B 11 8.90 -41.45 36.48
C LYS B 11 9.86 -40.44 35.86
N VAL B 12 11.11 -40.85 35.66
CA VAL B 12 12.16 -39.99 35.16
C VAL B 12 12.88 -40.68 34.00
N THR B 13 13.05 -39.95 32.89
CA THR B 13 13.73 -40.44 31.69
C THR B 13 15.08 -39.74 31.55
N THR B 14 16.13 -40.52 31.29
CA THR B 14 17.48 -39.99 31.10
C THR B 14 18.01 -40.49 29.76
N VAL B 15 18.53 -39.57 28.95
CA VAL B 15 19.10 -39.87 27.64
C VAL B 15 20.39 -39.08 27.47
N VAL B 16 21.13 -39.44 26.43
CA VAL B 16 22.24 -38.64 25.93
C VAL B 16 21.79 -38.04 24.60
N ALA B 17 21.72 -36.72 24.53
CA ALA B 17 21.17 -36.04 23.37
C ALA B 17 22.18 -35.01 22.87
N THR B 18 22.03 -34.64 21.61
CA THR B 18 22.91 -33.63 21.04
C THR B 18 22.18 -32.31 20.93
N PRO B 19 22.79 -31.21 21.35
CA PRO B 19 22.15 -29.90 21.21
C PRO B 19 21.90 -29.55 19.74
N GLY B 20 20.72 -28.99 19.48
CA GLY B 20 20.37 -28.63 18.11
C GLY B 20 21.24 -27.53 17.54
N GLN B 21 21.69 -26.61 18.39
CA GLN B 21 22.53 -25.51 17.97
C GLN B 21 23.72 -25.42 18.93
N GLY B 22 24.92 -25.25 18.37
CA GLY B 22 26.08 -24.97 19.18
C GLY B 22 27.21 -25.95 19.01
N PRO B 23 27.76 -26.42 20.14
CA PRO B 23 29.04 -27.16 20.10
C PRO B 23 28.96 -28.50 19.40
N ASP B 24 27.78 -29.10 19.26
CA ASP B 24 27.64 -30.46 18.73
C ASP B 24 28.39 -31.46 19.61
N ARG B 25 28.25 -31.30 20.93
CA ARG B 25 28.77 -32.26 21.90
C ARG B 25 27.61 -32.96 22.60
N PRO B 26 27.45 -34.29 22.45
CA PRO B 26 26.36 -34.98 23.13
C PRO B 26 26.46 -34.83 24.64
N GLN B 27 25.30 -34.84 25.30
CA GLN B 27 25.21 -34.50 26.71
C GLN B 27 24.05 -35.25 27.35
N GLU B 28 24.22 -35.60 28.62
CA GLU B 28 23.13 -36.23 29.35
C GLU B 28 21.97 -35.24 29.55
N VAL B 29 20.75 -35.71 29.34
CA VAL B 29 19.56 -34.90 29.50
C VAL B 29 18.48 -35.76 30.15
N SER B 30 17.98 -35.34 31.31
CA SER B 30 16.94 -36.05 32.02
C SER B 30 15.70 -35.16 32.14
N TYR B 31 14.54 -35.78 31.97
CA TYR B 31 13.28 -35.06 32.01
C TYR B 31 12.20 -35.95 32.62
N THR B 32 11.14 -35.33 33.09
CA THR B 32 10.05 -36.05 33.75
C THR B 32 8.74 -35.42 33.33
N ASP B 33 7.65 -35.89 33.95
CA ASP B 33 6.31 -35.36 33.72
C ASP B 33 5.88 -35.53 32.26
N THR B 34 6.35 -36.59 31.63
CA THR B 34 6.10 -36.78 30.20
C THR B 34 4.65 -37.22 29.98
N LYS B 35 3.96 -36.53 29.07
CA LYS B 35 2.58 -36.86 28.71
C LYS B 35 2.38 -36.61 27.22
N VAL B 36 1.44 -37.35 26.64
CA VAL B 36 1.13 -37.21 25.21
C VAL B 36 0.28 -35.97 25.01
N ILE B 37 0.70 -35.11 24.08
CA ILE B 37 -0.03 -33.91 23.74
CA ILE B 37 -0.04 -33.91 23.75
C ILE B 37 -0.58 -33.99 22.31
N GLY B 38 0.17 -34.58 21.40
CA GLY B 38 -0.26 -34.65 20.02
C GLY B 38 0.03 -36.00 19.41
N ASN B 39 -0.81 -36.35 18.44
CA ASN B 39 -0.69 -37.61 17.72
C ASN B 39 -0.89 -37.34 16.23
N GLY B 40 -0.01 -37.91 15.41
CA GLY B 40 -0.20 -37.92 13.98
C GLY B 40 0.26 -39.23 13.40
N SER B 41 0.04 -39.39 12.10
CA SER B 41 0.67 -40.53 11.43
C SER B 41 2.17 -40.29 11.37
N PHE B 42 2.93 -41.36 11.56
CA PHE B 42 4.40 -41.38 11.64
C PHE B 42 4.97 -40.89 12.97
N GLY B 43 4.16 -40.53 13.97
CA GLY B 43 4.78 -40.13 15.22
C GLY B 43 3.80 -39.67 16.28
N VAL B 44 4.38 -39.26 17.42
CA VAL B 44 3.67 -38.81 18.60
C VAL B 44 4.40 -37.55 19.09
N VAL B 45 3.67 -36.70 19.80
CA VAL B 45 4.24 -35.48 20.38
C VAL B 45 3.96 -35.47 21.87
N TYR B 46 5.00 -35.22 22.66
CA TYR B 46 4.92 -35.21 24.11
C TYR B 46 5.32 -33.84 24.66
N GLN B 47 4.87 -33.58 25.89
CA GLN B 47 5.37 -32.47 26.68
C GLN B 47 6.17 -33.03 27.86
N ALA B 48 7.23 -32.33 28.24
CA ALA B 48 8.10 -32.83 29.29
C ALA B 48 8.67 -31.65 30.07
N LYS B 49 9.20 -31.97 31.25
CA LYS B 49 9.82 -30.99 32.14
C LYS B 49 11.25 -31.44 32.40
N LEU B 50 12.21 -30.61 32.00
CA LEU B 50 13.61 -30.90 32.26
C LEU B 50 13.90 -30.90 33.76
N CYS B 51 14.65 -31.90 34.22
CA CYS B 51 15.08 -31.92 35.62
C CYS B 51 16.23 -30.94 35.85
N ASP B 52 17.14 -30.83 34.88
CA ASP B 52 18.29 -29.95 35.01
C ASP B 52 17.87 -28.49 35.09
N SER B 53 16.90 -28.08 34.28
CA SER B 53 16.49 -26.68 34.19
C SER B 53 15.13 -26.39 34.80
N GLY B 54 14.23 -27.37 34.84
CA GLY B 54 12.86 -27.16 35.27
C GLY B 54 11.92 -26.70 34.18
N GLU B 55 12.44 -26.28 33.04
CA GLU B 55 11.60 -25.75 31.96
C GLU B 55 10.75 -26.85 31.33
N LEU B 56 9.62 -26.43 30.79
CA LEU B 56 8.77 -27.32 29.99
C LEU B 56 9.30 -27.36 28.56
N VAL B 57 9.22 -28.54 27.96
CA VAL B 57 9.69 -28.74 26.59
C VAL B 57 8.69 -29.62 25.86
N ALA B 58 8.76 -29.57 24.54
CA ALA B 58 8.03 -30.49 23.68
C ALA B 58 9.00 -31.48 23.09
N ILE B 59 8.58 -32.73 22.95
CA ILE B 59 9.39 -33.75 22.30
C ILE B 59 8.60 -34.34 21.16
N LYS B 60 9.11 -34.18 19.95
CA LYS B 60 8.46 -34.75 18.77
C LYS B 60 9.19 -36.04 18.40
N LYS B 61 8.43 -37.15 18.38
CA LYS B 61 8.97 -38.47 18.05
C LYS B 61 8.44 -38.89 16.69
N VAL B 62 9.30 -38.88 15.67
CA VAL B 62 8.89 -39.19 14.29
C VAL B 62 9.53 -40.49 13.86
N LEU B 63 8.72 -41.40 13.33
CA LEU B 63 9.21 -42.66 12.83
C LEU B 63 10.18 -42.43 11.66
N GLN B 64 11.30 -43.15 11.67
CA GLN B 64 12.32 -43.06 10.64
C GLN B 64 12.13 -44.19 9.61
N ASP B 65 13.08 -44.27 8.66
CA ASP B 65 13.18 -45.20 7.52
C ASP B 65 12.28 -44.76 6.36
N LYS B 66 11.48 -43.70 6.52
CA LYS B 66 10.50 -43.24 5.54
C LYS B 66 11.13 -42.42 4.41
N ARG B 67 12.44 -42.55 4.18
CA ARG B 67 13.18 -41.89 3.11
C ARG B 67 13.36 -40.39 3.40
N PHE B 68 14.13 -39.72 2.55
CA PHE B 68 14.55 -38.32 2.67
C PHE B 68 15.66 -38.13 3.71
N LYS B 69 16.04 -39.18 4.43
CA LYS B 69 17.05 -39.11 5.50
C LYS B 69 16.63 -38.15 6.62
N ASN B 70 15.32 -37.95 6.78
CA ASN B 70 14.77 -37.02 7.75
C ASN B 70 15.27 -35.59 7.49
N ARG B 71 14.70 -35.00 6.44
CA ARG B 71 14.96 -33.60 6.11
C ARG B 71 14.68 -32.68 7.29
N GLU B 72 13.70 -33.04 8.14
CA GLU B 72 13.33 -32.19 9.27
C GLU B 72 14.50 -31.97 10.23
N LEU B 73 15.23 -33.03 10.55
CA LEU B 73 16.35 -32.84 11.47
C LEU B 73 17.45 -32.01 10.85
N GLN B 74 17.72 -32.21 9.54
CA GLN B 74 18.73 -31.40 8.87
C GLN B 74 18.33 -29.94 8.85
N ILE B 75 17.07 -29.66 8.52
CA ILE B 75 16.57 -28.28 8.48
C ILE B 75 16.65 -27.65 9.86
N MET B 76 16.20 -28.38 10.89
CA MET B 76 16.10 -27.82 12.23
C MET B 76 17.47 -27.48 12.81
N ARG B 77 18.50 -28.25 12.45
CA ARG B 77 19.85 -27.94 12.94
C ARG B 77 20.46 -26.74 12.23
N LYS B 78 20.05 -26.48 10.98
CA LYS B 78 20.57 -25.32 10.26
C LYS B 78 19.90 -24.03 10.72
N LEU B 79 18.63 -24.08 11.12
CA LEU B 79 17.85 -22.87 11.35
C LEU B 79 18.14 -22.31 12.74
N ASP B 80 18.35 -21.00 12.81
CA ASP B 80 18.59 -20.33 14.09
C ASP B 80 18.08 -18.89 13.94
N HIS B 81 16.86 -18.64 14.44
CA HIS B 81 16.21 -17.36 14.20
C HIS B 81 15.19 -17.09 15.29
N CYS B 82 14.98 -15.80 15.58
CA CYS B 82 14.12 -15.48 16.72
C CYS B 82 12.65 -15.81 16.47
N ASN B 83 12.23 -16.07 15.23
CA ASN B 83 10.85 -16.41 14.92
C ASN B 83 10.70 -17.85 14.44
N ILE B 84 11.68 -18.69 14.73
CA ILE B 84 11.59 -20.11 14.42
C ILE B 84 11.80 -20.87 15.71
N VAL B 85 10.99 -21.91 15.93
CA VAL B 85 11.10 -22.70 17.15
C VAL B 85 12.49 -23.31 17.26
N ARG B 86 13.09 -23.18 18.43
CA ARG B 86 14.47 -23.61 18.64
CA ARG B 86 14.48 -23.62 18.63
C ARG B 86 14.53 -25.11 18.99
N LEU B 87 15.49 -25.80 18.38
CA LEU B 87 15.73 -27.21 18.66
C LEU B 87 16.77 -27.30 19.77
N ARG B 88 16.34 -27.70 20.96
CA ARG B 88 17.26 -27.79 22.09
C ARG B 88 18.16 -29.01 21.95
N TYR B 89 17.58 -30.20 21.89
CA TYR B 89 18.35 -31.44 21.77
C TYR B 89 17.63 -32.37 20.82
N PHE B 90 18.39 -33.31 20.24
CA PHE B 90 17.80 -34.40 19.48
C PHE B 90 18.50 -35.70 19.84
N PHE B 91 17.74 -36.80 19.79
CA PHE B 91 18.26 -38.13 20.07
C PHE B 91 17.35 -39.15 19.40
N TYR B 92 17.82 -40.39 19.36
CA TYR B 92 17.07 -41.48 18.75
C TYR B 92 16.64 -42.49 19.80
N SER B 93 15.48 -43.10 19.57
CA SER B 93 14.96 -44.14 20.42
C SER B 93 14.55 -45.32 19.53
N SER B 94 14.33 -46.47 20.16
CA SER B 94 14.02 -47.69 19.43
C SER B 94 12.63 -48.16 19.81
N GLY B 95 11.83 -48.51 18.82
CA GLY B 95 10.53 -49.08 19.07
C GLY B 95 10.60 -50.58 19.36
N GLU B 96 9.45 -51.13 19.74
CA GLU B 96 9.36 -52.53 20.07
C GLU B 96 9.46 -53.43 18.84
N LYS B 97 9.24 -52.90 17.64
CA LYS B 97 9.25 -53.74 16.45
C LYS B 97 10.64 -53.78 15.84
N LYS B 98 10.87 -54.77 14.97
CA LYS B 98 12.14 -54.85 14.27
C LYS B 98 12.34 -53.63 13.37
N ASP B 99 13.51 -53.00 13.49
CA ASP B 99 13.89 -51.86 12.66
C ASP B 99 12.98 -50.66 12.86
N GLU B 100 12.40 -50.54 14.04
CA GLU B 100 11.53 -49.42 14.36
C GLU B 100 12.35 -48.38 15.11
N VAL B 101 12.69 -47.29 14.43
CA VAL B 101 13.58 -46.28 14.96
C VAL B 101 12.87 -44.94 14.92
N TYR B 102 12.98 -44.18 16.01
CA TYR B 102 12.33 -42.89 16.13
C TYR B 102 13.36 -41.80 16.36
N LEU B 103 13.16 -40.68 15.67
CA LEU B 103 13.87 -39.44 15.94
C LEU B 103 13.10 -38.63 16.96
N ASN B 104 13.81 -38.07 17.93
CA ASN B 104 13.20 -37.32 19.03
C ASN B 104 13.76 -35.91 19.00
N LEU B 105 12.89 -34.92 18.82
CA LEU B 105 13.28 -33.52 18.74
C LEU B 105 12.80 -32.83 20.00
N VAL B 106 13.73 -32.38 20.83
CA VAL B 106 13.39 -31.66 22.05
C VAL B 106 13.30 -30.17 21.70
N LEU B 107 12.12 -29.59 21.91
CA LEU B 107 11.82 -28.23 21.51
C LEU B 107 11.32 -27.45 22.71
N ASP B 108 11.45 -26.12 22.62
CA ASP B 108 10.84 -25.24 23.60
C ASP B 108 9.33 -25.39 23.53
N TYR B 109 8.71 -25.61 24.68
CA TYR B 109 7.26 -25.76 24.74
C TYR B 109 6.59 -24.40 24.73
N VAL B 110 5.70 -24.20 23.77
CA VAL B 110 4.93 -22.96 23.65
C VAL B 110 3.45 -23.33 23.60
N PRO B 111 2.65 -22.97 24.62
CA PRO B 111 1.28 -23.46 24.68
C PRO B 111 0.30 -22.66 23.83
N GLU B 112 0.63 -21.45 23.42
CA GLU B 112 -0.28 -20.65 22.62
C GLU B 112 0.13 -20.68 21.15
N THR B 113 -0.87 -20.77 20.28
CA THR B 113 -0.70 -20.66 18.85
C THR B 113 -1.57 -19.54 18.32
N VAL B 114 -1.29 -19.12 17.08
CA VAL B 114 -2.15 -18.15 16.41
C VAL B 114 -3.56 -18.71 16.25
N TYR B 115 -3.67 -20.02 16.01
CA TYR B 115 -4.98 -20.65 15.86
C TYR B 115 -5.82 -20.50 17.13
N ARG B 116 -5.23 -20.80 18.28
CA ARG B 116 -5.97 -20.74 19.53
C ARG B 116 -6.39 -19.31 19.84
N VAL B 117 -5.52 -18.33 19.54
CA VAL B 117 -5.88 -16.93 19.76
C VAL B 117 -7.00 -16.51 18.83
N ALA B 118 -6.89 -16.89 17.54
CA ALA B 118 -7.93 -16.54 16.59
C ALA B 118 -9.26 -17.21 16.93
N ARG B 119 -9.21 -18.47 17.39
CA ARG B 119 -10.43 -19.15 17.80
C ARG B 119 -11.05 -18.46 19.01
N HIS B 120 -10.21 -17.98 19.92
CA HIS B 120 -10.71 -17.32 21.13
C HIS B 120 -11.46 -16.04 20.78
N TYR B 121 -10.92 -15.25 19.86
CA TYR B 121 -11.60 -14.04 19.45
C TYR B 121 -12.84 -14.35 18.63
N SER B 122 -12.75 -15.30 17.68
CA SER B 122 -13.92 -15.68 16.89
C SER B 122 -15.02 -16.27 17.77
N ARG B 123 -14.65 -17.00 18.82
CA ARG B 123 -15.64 -17.54 19.74
C ARG B 123 -16.35 -16.44 20.52
N ALA B 124 -15.70 -15.29 20.71
CA ALA B 124 -16.31 -14.14 21.37
C ALA B 124 -16.97 -13.19 20.38
N LYS B 125 -17.06 -13.58 19.11
CA LYS B 125 -17.66 -12.75 18.06
C LYS B 125 -16.93 -11.41 17.94
N GLN B 126 -15.60 -11.46 18.03
CA GLN B 126 -14.76 -10.29 17.93
C GLN B 126 -13.62 -10.54 16.97
N THR B 127 -13.03 -9.45 16.49
CA THR B 127 -11.87 -9.55 15.63
C THR B 127 -10.61 -9.40 16.47
N LEU B 128 -9.54 -10.05 16.03
CA LEU B 128 -8.25 -9.81 16.64
C LEU B 128 -7.84 -8.37 16.42
N PRO B 129 -7.33 -7.69 17.46
CA PRO B 129 -6.87 -6.30 17.28
C PRO B 129 -5.77 -6.22 16.23
N VAL B 130 -5.83 -5.14 15.45
CA VAL B 130 -4.98 -5.00 14.27
C VAL B 130 -3.51 -4.94 14.64
N ILE B 131 -3.20 -4.41 15.83
CA ILE B 131 -1.81 -4.33 16.28
C ILE B 131 -1.22 -5.73 16.42
N TYR B 132 -2.01 -6.69 16.88
CA TYR B 132 -1.51 -8.07 16.97
C TYR B 132 -1.46 -8.73 15.60
N VAL B 133 -2.39 -8.37 14.70
CA VAL B 133 -2.34 -8.87 13.34
C VAL B 133 -1.04 -8.45 12.67
N LYS B 134 -0.66 -7.18 12.82
CA LYS B 134 0.61 -6.71 12.26
C LYS B 134 1.79 -7.42 12.90
N LEU B 135 1.78 -7.57 14.23
CA LEU B 135 2.88 -8.22 14.94
C LEU B 135 3.02 -9.68 14.51
N TYR B 136 1.91 -10.41 14.44
CA TYR B 136 1.97 -11.83 14.11
C TYR B 136 2.40 -12.03 12.65
N MET B 137 1.76 -11.30 11.74
CA MET B 137 2.04 -11.47 10.32
C MET B 137 3.45 -11.00 9.97
N TYR B 138 3.90 -9.90 10.56
CA TYR B 138 5.27 -9.43 10.33
C TYR B 138 6.28 -10.49 10.77
N GLN B 139 6.08 -11.06 11.97
CA GLN B 139 7.01 -12.08 12.44
C GLN B 139 6.94 -13.34 11.59
N LEU B 140 5.76 -13.65 11.05
CA LEU B 140 5.64 -14.80 10.16
C LEU B 140 6.41 -14.56 8.87
N PHE B 141 6.26 -13.37 8.27
CA PHE B 141 6.96 -13.10 7.01
C PHE B 141 8.45 -13.01 7.23
N ARG B 142 8.86 -12.53 8.40
CA ARG B 142 10.28 -12.45 8.70
C ARG B 142 10.89 -13.86 8.80
N SER B 143 10.15 -14.80 9.40
CA SER B 143 10.62 -16.18 9.47
C SER B 143 10.62 -16.83 8.10
N LEU B 144 9.62 -16.51 7.27
CA LEU B 144 9.59 -17.05 5.90
C LEU B 144 10.76 -16.52 5.09
N ALA B 145 11.12 -15.26 5.29
CA ALA B 145 12.26 -14.71 4.56
C ALA B 145 13.53 -15.41 4.99
N TYR B 146 13.63 -15.79 6.27
CA TYR B 146 14.82 -16.46 6.76
C TYR B 146 14.98 -17.84 6.13
N ILE B 147 13.92 -18.66 6.17
CA ILE B 147 14.08 -20.02 5.65
C ILE B 147 14.20 -20.00 4.14
N HIS B 148 13.50 -19.08 3.45
CA HIS B 148 13.60 -19.05 1.99
C HIS B 148 14.98 -18.63 1.52
N SER B 149 15.69 -17.85 2.33
CA SER B 149 17.07 -17.47 1.98
C SER B 149 18.01 -18.67 1.92
N PHE B 150 17.68 -19.76 2.63
CA PHE B 150 18.39 -21.04 2.50
C PHE B 150 17.80 -21.92 1.42
N GLY B 151 16.72 -21.50 0.77
CA GLY B 151 16.02 -22.33 -0.19
C GLY B 151 14.99 -23.27 0.41
N ILE B 152 14.70 -23.12 1.70
CA ILE B 152 13.85 -24.07 2.43
C ILE B 152 12.42 -23.58 2.38
N CYS B 153 11.53 -24.43 1.87
CA CYS B 153 10.12 -24.14 1.81
C CYS B 153 9.41 -24.91 2.92
N HIS B 154 8.66 -24.20 3.75
CA HIS B 154 7.99 -24.83 4.88
C HIS B 154 6.95 -25.85 4.41
N ARG B 155 6.04 -25.43 3.53
CA ARG B 155 5.02 -26.23 2.87
C ARG B 155 3.84 -26.60 3.76
N ASP B 156 3.77 -26.12 5.00
CA ASP B 156 2.58 -26.35 5.81
C ASP B 156 2.26 -25.12 6.66
N ILE B 157 2.29 -23.94 6.04
CA ILE B 157 2.02 -22.70 6.78
C ILE B 157 0.53 -22.62 7.10
N LYS B 158 0.22 -22.51 8.39
CA LYS B 158 -1.16 -22.52 8.88
C LYS B 158 -1.15 -22.00 10.32
N PRO B 159 -2.29 -21.56 10.84
CA PRO B 159 -2.32 -20.95 12.18
C PRO B 159 -1.88 -21.89 13.28
N GLN B 160 -2.10 -23.20 13.10
CA GLN B 160 -1.70 -24.15 14.13
C GLN B 160 -0.18 -24.23 14.25
N ASN B 161 0.56 -23.92 13.18
CA ASN B 161 2.01 -23.99 13.18
C ASN B 161 2.66 -22.65 13.55
N LEU B 162 1.93 -21.77 14.21
CA LEU B 162 2.44 -20.45 14.58
C LEU B 162 2.39 -20.35 16.09
N LEU B 163 3.55 -20.45 16.73
CA LEU B 163 3.61 -20.41 18.18
C LEU B 163 3.64 -18.97 18.70
N LEU B 164 3.04 -18.76 19.87
CA LEU B 164 2.95 -17.45 20.49
C LEU B 164 3.38 -17.52 21.94
N ASP B 165 4.27 -16.63 22.34
CA ASP B 165 4.45 -16.34 23.76
C ASP B 165 3.46 -15.24 24.14
N PRO B 166 2.51 -15.49 25.05
CA PRO B 166 1.48 -14.48 25.34
C PRO B 166 2.04 -13.17 25.91
N ASP B 167 3.08 -13.24 26.72
CA ASP B 167 3.62 -12.05 27.37
C ASP B 167 4.33 -11.15 26.37
N THR B 168 5.20 -11.73 25.54
CA THR B 168 6.06 -10.94 24.67
C THR B 168 5.47 -10.66 23.29
N ALA B 169 4.42 -11.38 22.92
CA ALA B 169 3.84 -11.36 21.56
C ALA B 169 4.82 -11.90 20.52
N VAL B 170 5.83 -12.66 20.94
CA VAL B 170 6.80 -13.26 20.02
C VAL B 170 6.14 -14.44 19.32
N LEU B 171 6.25 -14.48 18.00
CA LEU B 171 5.75 -15.58 17.18
C LEU B 171 6.92 -16.43 16.71
N LYS B 172 6.73 -17.75 16.74
CA LYS B 172 7.75 -18.70 16.26
C LYS B 172 7.09 -19.72 15.34
N LEU B 173 7.61 -19.79 14.11
CA LEU B 173 7.18 -20.82 13.17
C LEU B 173 7.70 -22.19 13.61
N CYS B 174 6.88 -23.22 13.40
CA CYS B 174 7.24 -24.56 13.83
C CYS B 174 6.62 -25.57 12.87
N ASP B 175 6.78 -26.85 13.20
CA ASP B 175 6.30 -28.00 12.41
C ASP B 175 6.94 -28.03 11.02
N PHE B 176 8.24 -28.33 11.02
CA PHE B 176 8.99 -28.47 9.78
C PHE B 176 8.93 -29.87 9.22
N GLY B 177 7.89 -30.63 9.57
CA GLY B 177 7.78 -32.00 9.10
C GLY B 177 7.53 -32.14 7.61
N SER B 178 7.01 -31.09 6.98
CA SER B 178 6.80 -31.08 5.52
C SER B 178 7.86 -30.27 4.80
N ALA B 179 8.79 -29.66 5.52
CA ALA B 179 9.74 -28.73 4.93
C ALA B 179 10.69 -29.43 3.96
N LYS B 180 11.11 -28.68 2.94
CA LYS B 180 12.01 -29.20 1.94
C LYS B 180 12.81 -28.06 1.33
N GLN B 181 14.09 -28.32 1.08
CA GLN B 181 14.94 -27.38 0.36
C GLN B 181 14.67 -27.57 -1.12
N LEU B 182 14.08 -26.56 -1.75
CA LEU B 182 13.69 -26.70 -3.16
C LEU B 182 14.90 -26.49 -4.06
N VAL B 183 14.97 -27.28 -5.13
CA VAL B 183 16.02 -27.16 -6.14
C VAL B 183 15.38 -27.08 -7.52
N ARG B 184 15.89 -26.15 -8.35
CA ARG B 184 15.34 -25.95 -9.68
C ARG B 184 15.55 -27.18 -10.54
N GLY B 185 14.50 -27.58 -11.25
CA GLY B 185 14.55 -28.76 -12.09
C GLY B 185 14.35 -30.07 -11.38
N GLU B 186 14.33 -30.06 -10.05
CA GLU B 186 14.09 -31.26 -9.28
C GLU B 186 12.67 -31.22 -8.75
N PRO B 187 11.79 -32.13 -9.18
CA PRO B 187 10.36 -31.99 -8.90
C PRO B 187 10.03 -32.14 -7.42
N ASN B 188 8.88 -31.57 -7.07
CA ASN B 188 8.38 -31.59 -5.69
C ASN B 188 6.93 -32.07 -5.71
N VAL B 189 6.51 -32.71 -4.63
CA VAL B 189 5.18 -33.31 -4.58
C VAL B 189 4.13 -32.21 -4.53
N SER B 190 3.09 -32.36 -5.35
CA SER B 190 2.05 -31.34 -5.46
C SER B 190 1.01 -31.45 -4.34
N TYR B 191 0.70 -32.66 -3.90
CA TYR B 191 -0.25 -32.87 -2.80
C TYR B 191 0.48 -32.63 -1.48
N ILE B 192 0.52 -31.37 -1.07
CA ILE B 192 1.21 -30.96 0.14
C ILE B 192 0.44 -29.76 0.68
N CYS B 193 0.77 -29.38 1.92
CA CYS B 193 0.19 -28.22 2.59
C CYS B 193 -1.26 -28.47 3.00
N SER B 194 -1.66 -27.99 4.18
CA SER B 194 -3.03 -28.16 4.65
C SER B 194 -3.99 -27.42 3.72
N ARG B 195 -5.22 -27.95 3.59
CA ARG B 195 -6.08 -27.69 2.44
C ARG B 195 -6.50 -26.23 2.33
N TYR B 196 -6.95 -25.62 3.42
CA TYR B 196 -7.41 -24.23 3.37
C TYR B 196 -6.28 -23.28 2.98
N TYR B 197 -5.04 -23.67 3.17
CA TYR B 197 -3.88 -22.82 2.98
C TYR B 197 -3.04 -23.26 1.79
N ARG B 198 -3.59 -24.12 0.94
CA ARG B 198 -2.85 -24.74 -0.15
C ARG B 198 -2.92 -23.85 -1.37
N ALA B 199 -1.77 -23.52 -1.94
CA ALA B 199 -1.72 -22.64 -3.09
C ALA B 199 -2.39 -23.28 -4.31
N PRO B 200 -3.03 -22.48 -5.17
CA PRO B 200 -3.76 -23.05 -6.32
C PRO B 200 -2.92 -23.85 -7.29
N GLU B 201 -1.65 -23.49 -7.48
CA GLU B 201 -0.82 -24.28 -8.40
C GLU B 201 -0.55 -25.67 -7.85
N LEU B 202 -0.61 -25.84 -6.52
CA LEU B 202 -0.50 -27.18 -5.93
C LEU B 202 -1.76 -27.99 -6.23
N ILE B 203 -2.93 -27.37 -6.13
CA ILE B 203 -4.17 -28.08 -6.47
C ILE B 203 -4.17 -28.46 -7.94
N PHE B 204 -3.59 -27.62 -8.80
CA PHE B 204 -3.37 -27.94 -10.22
C PHE B 204 -2.25 -28.94 -10.41
N GLY B 205 -1.56 -29.34 -9.35
CA GLY B 205 -0.62 -30.44 -9.43
C GLY B 205 0.74 -30.08 -9.96
N ALA B 206 1.13 -28.81 -9.89
CA ALA B 206 2.46 -28.42 -10.33
C ALA B 206 3.52 -29.05 -9.46
N THR B 207 4.58 -29.56 -10.09
CA THR B 207 5.73 -30.08 -9.36
C THR B 207 6.92 -29.13 -9.39
N ASP B 208 6.85 -28.08 -10.21
CA ASP B 208 7.91 -27.10 -10.33
C ASP B 208 7.66 -25.86 -9.48
N TYR B 209 6.78 -25.95 -8.49
CA TYR B 209 6.44 -24.79 -7.67
C TYR B 209 7.64 -24.33 -6.85
N THR B 210 7.45 -23.20 -6.18
CA THR B 210 8.55 -22.55 -5.47
C THR B 210 8.12 -22.23 -4.05
N SER B 211 8.97 -21.50 -3.32
CA SER B 211 8.67 -21.15 -1.94
C SER B 211 7.53 -20.14 -1.81
N SER B 212 7.07 -19.56 -2.92
CA SER B 212 5.94 -18.63 -2.87
C SER B 212 4.63 -19.34 -2.53
N ILE B 213 4.58 -20.68 -2.51
CA ILE B 213 3.41 -21.36 -1.95
C ILE B 213 3.26 -21.00 -0.48
N ASP B 214 4.36 -20.75 0.23
CA ASP B 214 4.27 -20.32 1.62
C ASP B 214 3.62 -18.94 1.72
N VAL B 215 3.95 -18.05 0.78
CA VAL B 215 3.40 -16.70 0.84
C VAL B 215 1.90 -16.71 0.59
N TRP B 216 1.43 -17.61 -0.29
CA TRP B 216 -0.01 -17.80 -0.43
C TRP B 216 -0.64 -18.21 0.90
N SER B 217 -0.03 -19.18 1.60
CA SER B 217 -0.58 -19.64 2.86
C SER B 217 -0.58 -18.53 3.89
N ALA B 218 0.48 -17.72 3.90
CA ALA B 218 0.55 -16.58 4.79
C ALA B 218 -0.61 -15.62 4.50
N GLY B 219 -0.91 -15.42 3.22
CA GLY B 219 -2.05 -14.59 2.85
C GLY B 219 -3.36 -15.15 3.36
N CYS B 220 -3.55 -16.47 3.26
CA CYS B 220 -4.73 -17.10 3.83
C CYS B 220 -4.79 -16.89 5.33
N VAL B 221 -3.63 -16.90 5.99
CA VAL B 221 -3.61 -16.68 7.43
C VAL B 221 -4.01 -15.24 7.75
N LEU B 222 -3.45 -14.27 7.02
CA LEU B 222 -3.81 -12.87 7.24
C LEU B 222 -5.29 -12.64 6.96
N ALA B 223 -5.79 -13.21 5.86
CA ALA B 223 -7.20 -13.08 5.53
C ALA B 223 -8.08 -13.67 6.64
N GLU B 224 -7.68 -14.83 7.16
CA GLU B 224 -8.43 -15.47 8.23
C GLU B 224 -8.46 -14.60 9.49
N LEU B 225 -7.34 -13.96 9.82
CA LEU B 225 -7.32 -13.10 11.00
C LEU B 225 -8.22 -11.88 10.81
N LEU B 226 -8.27 -11.33 9.60
CA LEU B 226 -9.17 -10.24 9.32
C LEU B 226 -10.64 -10.69 9.30
N LEU B 227 -10.90 -11.87 8.74
CA LEU B 227 -12.28 -12.32 8.58
CA LEU B 227 -12.28 -12.32 8.58
C LEU B 227 -12.85 -12.96 9.84
N GLY B 228 -12.01 -13.52 10.70
CA GLY B 228 -12.54 -14.30 11.80
C GLY B 228 -12.83 -15.75 11.45
N GLN B 229 -12.57 -16.16 10.22
CA GLN B 229 -12.77 -17.53 9.77
C GLN B 229 -11.91 -17.75 8.53
N PRO B 230 -11.67 -19.00 8.15
CA PRO B 230 -10.87 -19.26 6.94
C PRO B 230 -11.50 -18.65 5.70
N ILE B 231 -10.65 -18.06 4.85
CA ILE B 231 -11.16 -17.33 3.68
C ILE B 231 -11.58 -18.29 2.56
N PHE B 232 -11.01 -19.49 2.52
CA PHE B 232 -11.24 -20.46 1.45
C PHE B 232 -11.59 -21.81 2.06
N PRO B 233 -12.83 -22.00 2.51
CA PRO B 233 -13.26 -23.23 3.24
C PRO B 233 -13.68 -24.37 2.33
N GLY B 234 -12.70 -25.06 1.76
CA GLY B 234 -12.99 -26.10 0.78
C GLY B 234 -13.38 -27.42 1.43
N ASP B 235 -14.30 -28.13 0.78
CA ASP B 235 -14.65 -29.48 1.22
C ASP B 235 -13.66 -30.52 0.73
N SER B 236 -12.82 -30.17 -0.23
CA SER B 236 -11.89 -31.11 -0.85
C SER B 236 -10.87 -30.30 -1.63
N GLY B 237 -9.92 -31.00 -2.27
CA GLY B 237 -8.92 -30.31 -3.07
C GLY B 237 -9.52 -29.57 -4.26
N VAL B 238 -10.43 -30.23 -5.00
CA VAL B 238 -11.07 -29.57 -6.13
C VAL B 238 -11.95 -28.42 -5.65
N ASP B 239 -12.70 -28.64 -4.57
CA ASP B 239 -13.57 -27.59 -4.05
C ASP B 239 -12.78 -26.44 -3.45
N GLN B 240 -11.57 -26.72 -2.96
CA GLN B 240 -10.69 -25.66 -2.49
C GLN B 240 -10.37 -24.69 -3.61
N LEU B 241 -10.03 -25.21 -4.79
CA LEU B 241 -9.84 -24.35 -5.94
C LEU B 241 -11.13 -23.62 -6.30
N VAL B 242 -12.28 -24.29 -6.12
CA VAL B 242 -13.56 -23.64 -6.39
C VAL B 242 -13.78 -22.48 -5.44
N GLU B 243 -13.49 -22.68 -4.14
CA GLU B 243 -13.67 -21.60 -3.18
C GLU B 243 -12.74 -20.43 -3.44
N ILE B 244 -11.52 -20.72 -3.90
CA ILE B 244 -10.60 -19.67 -4.36
C ILE B 244 -11.18 -18.93 -5.57
N ILE B 245 -11.72 -19.67 -6.54
CA ILE B 245 -12.23 -19.01 -7.74
C ILE B 245 -13.49 -18.18 -7.43
N LYS B 246 -14.26 -18.58 -6.42
CA LYS B 246 -15.44 -17.79 -6.08
C LYS B 246 -15.08 -16.42 -5.52
N VAL B 247 -13.85 -16.24 -5.02
CA VAL B 247 -13.43 -14.95 -4.49
C VAL B 247 -12.61 -14.23 -5.55
N LEU B 248 -11.56 -14.89 -6.04
CA LEU B 248 -10.61 -14.23 -6.94
C LEU B 248 -11.10 -14.21 -8.38
N GLY B 249 -12.20 -14.88 -8.69
CA GLY B 249 -12.64 -15.01 -10.06
C GLY B 249 -11.81 -16.04 -10.82
N THR B 250 -12.30 -16.41 -11.99
CA THR B 250 -11.63 -17.42 -12.81
C THR B 250 -10.28 -16.90 -13.27
N PRO B 251 -9.20 -17.65 -13.08
CA PRO B 251 -7.88 -17.14 -13.48
C PRO B 251 -7.76 -17.02 -14.99
N THR B 252 -7.02 -16.01 -15.43
CA THR B 252 -6.78 -15.86 -16.85
C THR B 252 -5.89 -16.99 -17.37
N ARG B 253 -5.80 -17.09 -18.69
CA ARG B 253 -4.94 -18.09 -19.29
C ARG B 253 -3.48 -17.86 -18.92
N GLU B 254 -3.07 -16.59 -18.82
CA GLU B 254 -1.69 -16.30 -18.46
C GLU B 254 -1.43 -16.64 -17.00
N GLN B 255 -2.44 -16.49 -16.13
CA GLN B 255 -2.28 -16.93 -14.75
C GLN B 255 -2.23 -18.45 -14.65
N ILE B 256 -3.01 -19.15 -15.48
CA ILE B 256 -2.94 -20.60 -15.51
C ILE B 256 -1.57 -21.06 -16.03
N ARG B 257 -1.00 -20.35 -17.00
CA ARG B 257 0.34 -20.70 -17.49
CA ARG B 257 0.33 -20.69 -17.49
C ARG B 257 1.38 -20.57 -16.39
N GLU B 258 1.28 -19.50 -15.58
CA GLU B 258 2.22 -19.29 -14.50
C GLU B 258 2.09 -20.35 -13.42
N MET B 259 0.89 -20.88 -13.21
CA MET B 259 0.66 -21.89 -12.17
C MET B 259 1.08 -23.26 -12.66
N ASN B 260 0.43 -23.75 -13.69
CA ASN B 260 0.68 -25.04 -14.30
C ASN B 260 0.39 -24.93 -15.80
N PRO B 261 1.41 -24.94 -16.64
CA PRO B 261 1.20 -24.71 -18.09
C PRO B 261 0.35 -25.76 -18.78
N ASN B 262 0.11 -26.91 -18.15
CA ASN B 262 -0.65 -28.00 -18.75
C ASN B 262 -2.16 -27.78 -18.69
N TYR B 263 -2.63 -26.62 -18.24
CA TYR B 263 -4.05 -26.33 -18.21
C TYR B 263 -4.41 -25.09 -19.02
N THR B 264 -3.45 -24.54 -19.79
CA THR B 264 -3.69 -23.25 -20.46
C THR B 264 -4.74 -23.37 -21.56
N GLU B 265 -4.76 -24.48 -22.28
CA GLU B 265 -5.63 -24.61 -23.44
C GLU B 265 -7.03 -25.10 -23.07
N PHE B 266 -7.46 -24.92 -21.83
CA PHE B 266 -8.78 -25.33 -21.38
C PHE B 266 -9.65 -24.09 -21.15
N LYS B 267 -10.86 -24.12 -21.68
CA LYS B 267 -11.80 -23.01 -21.53
C LYS B 267 -12.57 -23.22 -20.22
N PHE B 268 -12.19 -22.47 -19.16
CA PHE B 268 -12.97 -22.56 -17.94
C PHE B 268 -14.04 -21.48 -17.92
N PRO B 269 -15.17 -21.76 -17.26
CA PRO B 269 -16.24 -20.75 -17.15
C PRO B 269 -15.75 -19.55 -16.37
N GLN B 270 -16.20 -18.36 -16.79
CA GLN B 270 -15.74 -17.11 -16.20
C GLN B 270 -16.63 -16.74 -15.03
N ILE B 271 -16.09 -16.84 -13.81
CA ILE B 271 -16.76 -16.42 -12.60
C ILE B 271 -16.21 -15.05 -12.24
N LYS B 272 -17.10 -14.09 -12.00
CA LYS B 272 -16.66 -12.76 -11.60
C LYS B 272 -16.06 -12.78 -10.19
N ALA B 273 -14.97 -12.05 -10.03
CA ALA B 273 -14.32 -11.96 -8.73
C ALA B 273 -15.12 -11.10 -7.77
N HIS B 274 -15.14 -11.49 -6.51
CA HIS B 274 -15.64 -10.59 -5.47
CA HIS B 274 -15.64 -10.60 -5.46
C HIS B 274 -14.64 -9.47 -5.25
N PRO B 275 -15.09 -8.21 -5.25
CA PRO B 275 -14.16 -7.09 -4.96
C PRO B 275 -13.55 -7.24 -3.58
N TRP B 276 -12.24 -6.93 -3.49
CA TRP B 276 -11.50 -7.14 -2.25
C TRP B 276 -12.12 -6.37 -1.08
N THR B 277 -12.59 -5.16 -1.33
CA THR B 277 -13.22 -4.37 -0.27
C THR B 277 -14.53 -4.97 0.20
N LYS B 278 -15.16 -5.83 -0.59
CA LYS B 278 -16.37 -6.53 -0.18
C LYS B 278 -16.08 -7.89 0.44
N VAL B 279 -14.85 -8.40 0.31
CA VAL B 279 -14.49 -9.68 0.92
C VAL B 279 -14.46 -9.55 2.44
N PHE B 280 -13.87 -8.48 2.95
CA PHE B 280 -13.73 -8.28 4.39
C PHE B 280 -14.81 -7.34 4.89
N ARG B 281 -14.95 -7.28 6.22
CA ARG B 281 -15.96 -6.40 6.80
C ARG B 281 -15.57 -4.94 6.58
N PRO B 282 -16.55 -4.03 6.57
CA PRO B 282 -16.30 -2.67 6.07
C PRO B 282 -15.26 -1.89 6.87
N ARG B 283 -15.08 -2.19 8.16
CA ARG B 283 -14.11 -1.46 8.97
C ARG B 283 -12.71 -2.06 8.92
N THR B 284 -12.49 -3.06 8.07
CA THR B 284 -11.16 -3.63 7.90
C THR B 284 -10.20 -2.57 7.39
N PRO B 285 -9.01 -2.43 7.98
CA PRO B 285 -8.06 -1.41 7.54
C PRO B 285 -7.63 -1.65 6.10
N PRO B 286 -7.65 -0.60 5.27
CA PRO B 286 -7.37 -0.79 3.84
C PRO B 286 -5.96 -1.27 3.53
N GLU B 287 -4.96 -0.95 4.36
CA GLU B 287 -3.62 -1.47 4.12
C GLU B 287 -3.58 -2.98 4.29
N ALA B 288 -4.35 -3.53 5.23
CA ALA B 288 -4.41 -4.99 5.37
C ALA B 288 -5.03 -5.63 4.13
N ILE B 289 -6.09 -5.01 3.59
CA ILE B 289 -6.72 -5.52 2.37
C ILE B 289 -5.77 -5.43 1.20
N ALA B 290 -5.05 -4.30 1.07
CA ALA B 290 -4.09 -4.15 -0.01
C ALA B 290 -2.98 -5.20 0.10
N LEU B 291 -2.50 -5.45 1.32
CA LEU B 291 -1.46 -6.46 1.50
C LEU B 291 -1.96 -7.83 1.07
N CYS B 292 -3.20 -8.16 1.45
CA CYS B 292 -3.77 -9.45 1.09
CA CYS B 292 -3.79 -9.45 1.09
C CYS B 292 -3.85 -9.64 -0.43
N SER B 293 -4.26 -8.58 -1.14
CA SER B 293 -4.39 -8.68 -2.60
C SER B 293 -3.05 -8.96 -3.27
N ARG B 294 -1.95 -8.59 -2.63
CA ARG B 294 -0.64 -8.85 -3.22
C ARG B 294 -0.06 -10.18 -2.80
N LEU B 295 -0.75 -10.91 -1.91
CA LEU B 295 -0.36 -12.25 -1.48
C LEU B 295 -1.22 -13.31 -2.16
N LEU B 296 -2.53 -13.13 -2.17
CA LEU B 296 -3.46 -14.07 -2.79
C LEU B 296 -3.58 -13.81 -4.30
N GLU B 297 -2.46 -14.00 -4.99
CA GLU B 297 -2.37 -13.86 -6.43
C GLU B 297 -2.27 -15.24 -7.08
N TYR B 298 -2.98 -15.44 -8.19
CA TYR B 298 -2.86 -16.68 -8.94
C TYR B 298 -1.44 -16.91 -9.41
N THR B 299 -0.87 -15.91 -10.07
CA THR B 299 0.49 -16.05 -10.60
C THR B 299 1.49 -16.05 -9.45
N PRO B 300 2.22 -17.15 -9.24
CA PRO B 300 3.09 -17.22 -8.05
C PRO B 300 4.21 -16.20 -8.04
N THR B 301 4.76 -15.88 -9.21
CA THR B 301 5.79 -14.87 -9.29
C THR B 301 5.27 -13.47 -9.00
N ALA B 302 3.95 -13.26 -9.07
CA ALA B 302 3.39 -11.94 -8.76
C ALA B 302 3.17 -11.73 -7.28
N ARG B 303 3.33 -12.76 -6.46
CA ARG B 303 3.17 -12.58 -5.02
C ARG B 303 4.37 -11.85 -4.43
N LEU B 304 4.12 -11.07 -3.39
CA LEU B 304 5.21 -10.44 -2.66
C LEU B 304 6.14 -11.49 -2.07
N THR B 305 7.45 -11.22 -2.11
CA THR B 305 8.37 -12.00 -1.30
C THR B 305 8.12 -11.71 0.17
N PRO B 306 8.59 -12.59 1.06
CA PRO B 306 8.41 -12.32 2.50
C PRO B 306 9.09 -11.04 2.94
N LEU B 307 10.24 -10.72 2.36
CA LEU B 307 10.92 -9.47 2.67
C LEU B 307 10.13 -8.28 2.17
N GLU B 308 9.57 -8.36 0.96
CA GLU B 308 8.69 -7.29 0.47
C GLU B 308 7.46 -7.14 1.35
N ALA B 309 6.85 -8.25 1.75
CA ALA B 309 5.69 -8.18 2.63
C ALA B 309 6.03 -7.51 3.97
N CYS B 310 7.23 -7.78 4.50
CA CYS B 310 7.68 -7.13 5.73
C CYS B 310 7.76 -5.62 5.55
N ALA B 311 8.20 -5.16 4.37
CA ALA B 311 8.34 -3.73 4.09
C ALA B 311 7.02 -3.08 3.70
N HIS B 312 5.92 -3.82 3.67
CA HIS B 312 4.65 -3.26 3.24
C HIS B 312 4.20 -2.20 4.23
N SER B 313 3.43 -1.22 3.72
CA SER B 313 2.98 -0.12 4.57
C SER B 313 2.07 -0.57 5.71
N PHE B 314 1.45 -1.76 5.59
CA PHE B 314 0.60 -2.26 6.66
C PHE B 314 1.36 -2.46 7.96
N PHE B 315 2.67 -2.71 7.88
CA PHE B 315 3.51 -2.87 9.05
C PHE B 315 4.24 -1.59 9.44
N ASP B 316 3.87 -0.44 8.86
CA ASP B 316 4.56 0.81 9.18
C ASP B 316 4.43 1.16 10.65
N GLU B 317 3.27 0.88 11.26
CA GLU B 317 3.06 1.16 12.67
C GLU B 317 4.07 0.44 13.56
N LEU B 318 4.53 -0.76 13.15
CA LEU B 318 5.52 -1.48 13.94
C LEU B 318 6.86 -0.75 13.94
N ARG B 319 7.16 0.00 12.88
CA ARG B 319 8.42 0.74 12.79
C ARG B 319 8.34 2.13 13.45
N ASP B 320 7.18 2.50 13.98
CA ASP B 320 7.07 3.73 14.77
C ASP B 320 7.90 3.60 16.04
N PRO B 321 8.75 4.58 16.36
CA PRO B 321 9.52 4.50 17.62
C PRO B 321 8.65 4.51 18.87
N ASN B 322 7.46 5.10 18.82
CA ASN B 322 6.58 5.20 19.97
C ASN B 322 5.58 4.04 20.09
N VAL B 323 5.72 2.98 19.30
CA VAL B 323 4.77 1.88 19.32
C VAL B 323 4.97 1.03 20.57
N LYS B 324 3.86 0.57 21.15
CA LYS B 324 3.91 -0.36 22.27
C LYS B 324 2.69 -1.28 22.20
N LEU B 325 2.78 -2.42 22.86
CA LEU B 325 1.67 -3.35 22.93
C LEU B 325 0.51 -2.74 23.71
N PRO B 326 -0.69 -3.31 23.57
CA PRO B 326 -1.82 -2.86 24.40
C PRO B 326 -1.60 -3.07 25.89
N ASN B 327 -0.83 -4.08 26.27
CA ASN B 327 -0.54 -4.38 27.67
C ASN B 327 0.47 -3.43 28.30
N GLY B 328 0.96 -2.44 27.55
CA GLY B 328 2.00 -1.57 28.03
C GLY B 328 3.41 -2.10 27.83
N ARG B 329 3.56 -3.38 27.50
CA ARG B 329 4.87 -3.94 27.27
C ARG B 329 5.46 -3.42 25.96
N ASP B 330 6.78 -3.53 25.83
CA ASP B 330 7.43 -3.21 24.57
C ASP B 330 7.12 -4.27 23.52
N THR B 331 7.22 -3.86 22.26
CA THR B 331 7.14 -4.83 21.19
C THR B 331 8.38 -5.72 21.20
N PRO B 332 8.27 -6.97 20.72
CA PRO B 332 9.46 -7.82 20.62
C PRO B 332 10.48 -7.28 19.62
N ALA B 333 11.63 -7.94 19.52
CA ALA B 333 12.63 -7.52 18.54
C ALA B 333 12.09 -7.75 17.13
N LEU B 334 12.19 -6.72 16.30
CA LEU B 334 11.63 -6.73 14.96
C LEU B 334 12.59 -6.29 13.88
N PHE B 335 13.66 -5.55 14.21
CA PHE B 335 14.51 -4.95 13.22
C PHE B 335 15.96 -5.39 13.34
N ASN B 336 16.22 -6.49 14.04
CA ASN B 336 17.58 -7.02 14.15
C ASN B 336 17.87 -7.99 13.01
N PHE B 337 17.76 -7.48 11.79
CA PHE B 337 18.00 -8.30 10.60
C PHE B 337 19.48 -8.63 10.45
N THR B 338 19.76 -9.86 10.03
CA THR B 338 21.11 -10.29 9.70
C THR B 338 21.33 -10.19 8.19
N THR B 339 22.60 -10.30 7.79
CA THR B 339 22.93 -10.24 6.37
C THR B 339 22.29 -11.38 5.59
N GLN B 340 22.24 -12.57 6.20
CA GLN B 340 21.56 -13.71 5.60
C GLN B 340 20.08 -13.39 5.38
N GLU B 341 19.46 -12.76 6.37
CA GLU B 341 18.04 -12.46 6.30
C GLU B 341 17.75 -11.47 5.17
N LEU B 342 18.58 -10.43 5.05
CA LEU B 342 18.40 -9.37 4.05
C LEU B 342 19.03 -9.71 2.72
N SER B 343 19.61 -10.91 2.57
CA SER B 343 20.44 -11.21 1.41
C SER B 343 19.62 -11.22 0.12
N SER B 344 18.34 -11.59 0.19
CA SER B 344 17.53 -11.61 -1.03
C SER B 344 17.29 -10.20 -1.58
N ASN B 345 17.26 -9.19 -0.72
CA ASN B 345 16.96 -7.80 -1.14
C ASN B 345 17.60 -6.82 -0.17
N PRO B 346 18.91 -6.63 -0.27
CA PRO B 346 19.63 -5.70 0.62
C PRO B 346 19.11 -4.27 0.54
N PRO B 347 18.74 -3.76 -0.64
CA PRO B 347 18.15 -2.41 -0.70
C PRO B 347 16.86 -2.25 0.10
N LEU B 348 16.16 -3.32 0.44
CA LEU B 348 14.98 -3.18 1.28
C LEU B 348 15.32 -2.86 2.74
N ALA B 349 16.59 -2.94 3.13
CA ALA B 349 16.96 -2.64 4.51
C ALA B 349 16.65 -1.19 4.89
N THR B 350 16.68 -0.26 3.92
CA THR B 350 16.42 1.14 4.26
C THR B 350 14.99 1.36 4.74
N ILE B 351 14.05 0.49 4.36
CA ILE B 351 12.71 0.51 4.93
C ILE B 351 12.59 -0.42 6.13
N LEU B 352 13.30 -1.56 6.11
CA LEU B 352 13.10 -2.56 7.16
C LEU B 352 13.76 -2.16 8.47
N ILE B 353 14.87 -1.45 8.39
CA ILE B 353 15.57 -1.01 9.60
C ILE B 353 15.33 0.49 9.74
N PRO B 354 14.39 0.93 10.57
CA PRO B 354 14.05 2.35 10.65
C PRO B 354 15.19 3.14 11.27
N PRO B 355 15.13 4.48 11.19
CA PRO B 355 16.27 5.29 11.65
C PRO B 355 16.61 5.12 13.12
N HIS B 356 15.60 4.93 13.98
CA HIS B 356 15.88 4.78 15.40
C HIS B 356 16.52 3.45 15.74
N ALA B 357 16.54 2.50 14.81
CA ALA B 357 17.26 1.24 14.99
C ALA B 357 18.71 1.32 14.54
N ARG B 358 19.29 2.53 14.49
CA ARG B 358 20.69 2.68 14.09
C ARG B 358 21.66 2.54 15.25
N HIS B 359 21.19 2.64 16.50
CA HIS B 359 22.07 2.58 17.66
C HIS B 359 22.73 1.21 17.80
N GLY C 7 -9.53 29.88 11.27
CA GLY C 7 -9.24 31.30 11.31
C GLY C 7 -9.91 31.99 12.49
N VAL C 8 -9.86 33.33 12.50
CA VAL C 8 -10.43 34.23 13.51
C VAL C 8 -10.10 33.78 14.93
N GLU C 9 -10.88 34.22 15.91
CA GLU C 9 -10.70 33.76 17.28
C GLU C 9 -11.00 32.26 17.36
N PRO C 10 -10.12 31.44 17.94
CA PRO C 10 -10.42 30.01 18.11
C PRO C 10 -11.67 29.74 18.92
N GLN C 11 -11.98 30.57 19.89
CA GLN C 11 -13.19 30.37 20.67
C GLN C 11 -14.42 30.54 19.80
N LYS C 12 -14.35 31.48 18.85
CA LYS C 12 -15.49 31.70 17.96
C LYS C 12 -15.59 30.59 16.93
N PHE C 13 -14.46 30.20 16.35
CA PHE C 13 -14.48 29.19 15.31
C PHE C 13 -14.92 27.84 15.87
N ALA C 14 -14.46 27.51 17.07
CA ALA C 14 -14.83 26.23 17.68
C ALA C 14 -16.33 26.16 17.93
N GLU C 15 -16.94 27.25 18.38
CA GLU C 15 -18.39 27.25 18.59
C GLU C 15 -19.14 27.00 17.28
N GLU C 16 -18.71 27.65 16.18
CA GLU C 16 -19.39 27.47 14.90
CA GLU C 16 -19.42 27.45 14.93
C GLU C 16 -19.23 26.03 14.41
N LEU C 17 -18.03 25.46 14.59
CA LEU C 17 -17.79 24.08 14.17
C LEU C 17 -18.62 23.10 14.99
N ILE C 18 -18.66 23.29 16.31
CA ILE C 18 -19.46 22.44 17.19
C ILE C 18 -20.93 22.48 16.77
N HIS C 19 -21.45 23.69 16.52
CA HIS C 19 -22.84 23.85 16.13
C HIS C 19 -23.14 23.13 14.83
N ARG C 20 -22.22 23.21 13.86
CA ARG C 20 -22.46 22.55 12.59
C ARG C 20 -22.36 21.03 12.71
N LEU C 21 -21.42 20.55 13.54
CA LEU C 21 -21.27 19.12 13.75
C LEU C 21 -22.46 18.53 14.49
N GLU C 22 -23.01 19.29 15.45
CA GLU C 22 -24.25 18.86 16.09
C GLU C 22 -25.38 18.75 15.08
N ALA C 23 -25.41 19.67 14.10
CA ALA C 23 -26.38 19.59 13.02
C ALA C 23 -26.19 18.32 12.21
N VAL C 24 -24.95 17.91 11.96
CA VAL C 24 -24.68 16.65 11.26
C VAL C 24 -25.24 15.47 12.05
N GLN C 25 -25.03 15.45 13.37
CA GLN C 25 -25.54 14.35 14.19
C GLN C 25 -27.06 14.27 14.12
N ARG C 26 -27.73 15.42 14.20
CA ARG C 26 -29.18 15.45 14.15
C ARG C 26 -29.69 14.96 12.79
N THR C 27 -29.05 15.38 11.70
CA THR C 27 -29.44 14.92 10.38
C THR C 27 -29.26 13.40 10.24
N ARG C 28 -28.13 12.89 10.72
CA ARG C 28 -27.88 11.45 10.64
C ARG C 28 -28.88 10.68 11.49
N GLU C 29 -29.20 11.19 12.67
CA GLU C 29 -30.16 10.50 13.52
C GLU C 29 -31.55 10.53 12.91
N ALA C 30 -31.96 11.68 12.35
CA ALA C 30 -33.24 11.77 11.66
C ALA C 30 -33.28 10.85 10.45
N GLU C 31 -32.13 10.68 9.78
CA GLU C 31 -32.03 9.79 8.63
C GLU C 31 -32.39 8.35 9.01
N GLU C 32 -31.85 7.86 10.13
CA GLU C 32 -32.13 6.48 10.52
C GLU C 32 -33.56 6.33 10.99
N LYS C 33 -34.09 7.35 11.69
CA LYS C 33 -35.48 7.31 12.11
C LYS C 33 -36.40 7.28 10.90
N LEU C 34 -36.04 7.99 9.82
CA LEU C 34 -36.82 7.97 8.60
C LEU C 34 -36.80 6.60 7.94
N GLU C 35 -35.64 5.93 7.98
CA GLU C 35 -35.57 4.54 7.53
C GLU C 35 -36.55 3.65 8.30
N GLU C 36 -36.58 3.79 9.63
CA GLU C 36 -37.49 2.99 10.44
C GLU C 36 -38.95 3.31 10.10
N ARG C 37 -39.28 4.60 9.91
CA ARG C 37 -40.65 4.96 9.53
C ARG C 37 -41.02 4.40 8.17
N LEU C 38 -40.09 4.47 7.20
CA LEU C 38 -40.39 3.96 5.87
C LEU C 38 -40.56 2.45 5.87
N LYS C 39 -39.69 1.73 6.61
CA LYS C 39 -39.83 0.27 6.67
C LYS C 39 -41.08 -0.14 7.43
N ARG C 40 -41.57 0.69 8.35
CA ARG C 40 -42.83 0.43 9.02
C ARG C 40 -44.05 0.64 8.11
N VAL C 41 -43.86 1.24 6.94
CA VAL C 41 -44.94 1.44 5.97
C VAL C 41 -44.85 0.37 4.89
N TRP D 3 -9.87 -37.19 -5.34
CA TRP D 3 -8.43 -37.17 -5.50
C TRP D 3 -8.00 -36.54 -6.85
N GLY D 4 -8.77 -35.54 -7.30
CA GLY D 4 -8.44 -34.85 -8.54
C GLY D 4 -7.22 -33.96 -8.43
N SER D 5 -6.97 -33.41 -7.24
CA SER D 5 -5.90 -32.43 -7.03
C SER D 5 -4.55 -33.12 -6.98
N GLY D 6 -3.68 -32.77 -7.92
CA GLY D 6 -2.35 -33.37 -7.95
C GLY D 6 -2.20 -34.69 -8.69
N GLY D 7 -3.05 -35.67 -8.36
CA GLY D 7 -2.85 -37.03 -8.83
C GLY D 7 -3.85 -37.56 -9.85
N VAL D 8 -4.23 -36.73 -10.81
CA VAL D 8 -5.10 -37.15 -11.91
C VAL D 8 -4.61 -36.49 -13.19
N GLU D 9 -5.07 -37.02 -14.32
CA GLU D 9 -4.72 -36.45 -15.60
C GLU D 9 -5.41 -35.09 -15.77
N PRO D 10 -4.74 -34.14 -16.44
CA PRO D 10 -5.30 -32.78 -16.57
C PRO D 10 -6.67 -32.71 -17.25
N GLN D 11 -6.92 -33.55 -18.25
CA GLN D 11 -8.22 -33.54 -18.91
C GLN D 11 -9.32 -33.97 -17.95
N LYS D 12 -9.07 -35.01 -17.16
CA LYS D 12 -10.06 -35.43 -16.19
C LYS D 12 -10.30 -34.35 -15.14
N PHE D 13 -9.23 -33.69 -14.70
CA PHE D 13 -9.37 -32.65 -13.67
C PHE D 13 -10.12 -31.44 -14.22
N ALA D 14 -9.77 -31.00 -15.43
CA ALA D 14 -10.38 -29.82 -16.01
C ALA D 14 -11.88 -30.01 -16.24
N GLU D 15 -12.27 -31.19 -16.72
CA GLU D 15 -13.70 -31.46 -16.93
C GLU D 15 -14.46 -31.44 -15.60
N GLU D 16 -13.85 -31.98 -14.54
CA GLU D 16 -14.49 -31.95 -13.24
C GLU D 16 -14.58 -30.53 -12.69
N LEU D 17 -13.51 -29.75 -12.85
CA LEU D 17 -13.53 -28.36 -12.37
C LEU D 17 -14.52 -27.52 -13.17
N ILE D 18 -14.57 -27.74 -14.49
CA ILE D 18 -15.51 -26.99 -15.33
C ILE D 18 -16.95 -27.32 -14.94
N HIS D 19 -17.23 -28.59 -14.69
CA HIS D 19 -18.56 -29.00 -14.25
C HIS D 19 -18.90 -28.40 -12.89
N ARG D 20 -17.90 -28.20 -12.03
CA ARG D 20 -18.13 -27.61 -10.71
C ARG D 20 -18.31 -26.09 -10.80
N LEU D 21 -17.59 -25.43 -11.71
CA LEU D 21 -17.75 -24.00 -11.90
C LEU D 21 -19.08 -23.65 -12.55
N GLU D 22 -19.68 -24.59 -13.28
CA GLU D 22 -21.01 -24.34 -13.82
C GLU D 22 -22.09 -24.41 -12.76
N ALA D 23 -21.82 -25.11 -11.65
CA ALA D 23 -22.79 -25.16 -10.55
C ALA D 23 -22.82 -23.85 -9.78
N VAL D 24 -21.65 -23.22 -9.56
CA VAL D 24 -21.66 -21.92 -8.90
C VAL D 24 -22.32 -20.86 -9.77
N GLN D 25 -22.14 -20.95 -11.09
CA GLN D 25 -22.85 -20.03 -12.00
C GLN D 25 -24.35 -20.23 -11.93
N ARG D 26 -24.81 -21.48 -11.86
CA ARG D 26 -26.25 -21.74 -11.79
C ARG D 26 -26.83 -21.21 -10.49
N THR D 27 -26.15 -21.42 -9.36
CA THR D 27 -26.68 -20.96 -8.08
C THR D 27 -26.67 -19.44 -8.00
N ARG D 28 -25.63 -18.80 -8.55
CA ARG D 28 -25.60 -17.34 -8.59
C ARG D 28 -26.70 -16.77 -9.48
N GLU D 29 -27.00 -17.45 -10.59
CA GLU D 29 -28.13 -17.05 -11.42
C GLU D 29 -29.45 -17.21 -10.69
N ALA D 30 -29.53 -18.17 -9.77
CA ALA D 30 -30.72 -18.30 -8.93
C ALA D 30 -30.80 -17.20 -7.89
N GLU D 31 -29.66 -16.81 -7.31
CA GLU D 31 -29.66 -15.74 -6.32
C GLU D 31 -30.05 -14.41 -6.94
N GLU D 32 -29.62 -14.15 -8.18
CA GLU D 32 -30.04 -12.94 -8.87
C GLU D 32 -31.51 -12.99 -9.22
N LYS D 33 -32.03 -14.16 -9.56
CA LYS D 33 -33.43 -14.31 -9.93
C LYS D 33 -34.38 -14.04 -8.76
N LEU D 34 -33.89 -14.16 -7.52
CA LEU D 34 -34.71 -13.83 -6.36
C LEU D 34 -35.12 -12.36 -6.37
N GLU D 35 -34.20 -11.47 -6.76
CA GLU D 35 -34.52 -10.05 -6.87
C GLU D 35 -35.56 -9.78 -7.95
N GLU D 36 -35.65 -10.65 -8.96
CA GLU D 36 -36.64 -10.49 -10.03
C GLU D 36 -37.96 -11.16 -9.68
PB ADP E . -4.40 30.72 -13.01
O1B ADP E . -5.77 30.59 -13.62
O2B ADP E . -3.43 31.57 -13.78
O3B ADP E . -4.43 31.03 -11.53
PA ADP E . -2.60 28.78 -14.16
O1A ADP E . -2.48 27.30 -13.90
O2A ADP E . -1.34 29.59 -14.06
O3A ADP E . -3.72 29.26 -13.09
O5' ADP E . -3.24 28.96 -15.64
C5' ADP E . -4.66 28.88 -15.83
C4' ADP E . -5.00 27.74 -16.77
O4' ADP E . -4.38 27.95 -18.06
C3' ADP E . -4.49 26.38 -16.28
O3' ADP E . -5.45 25.65 -15.52
C2' ADP E . -4.25 25.66 -17.58
O2' ADP E . -5.52 25.10 -17.93
C1' ADP E . -3.84 26.75 -18.58
N9 ADP E . -2.36 26.78 -18.59
C8 ADP E . -1.56 27.32 -17.63
N7 ADP E . -0.25 27.13 -17.91
C5 ADP E . -0.20 26.45 -19.08
C6 ADP E . 0.87 25.92 -19.96
N6 ADP E . 2.17 26.09 -19.64
N1 ADP E . 0.50 25.27 -21.09
C2 ADP E . -0.78 25.11 -21.43
N3 ADP E . -1.81 25.55 -20.68
C4 ADP E . -1.59 26.22 -19.52
C1 EDO F . -13.89 16.12 -12.04
O1 EDO F . -13.66 15.42 -10.82
C2 EDO F . -15.32 15.90 -12.51
O2 EDO F . -16.24 16.00 -11.42
H11 EDO F . -13.19 15.77 -12.81
H12 EDO F . -13.72 17.20 -11.89
HO1 EDO F . -12.74 15.54 -10.54
H21 EDO F . -15.41 14.91 -12.98
H22 EDO F . -15.58 16.64 -13.27
HO2 EDO F . -17.14 15.84 -11.73
C1 EDO G . -12.49 15.76 21.44
O1 EDO G . -13.53 16.70 21.17
C2 EDO G . -11.61 15.59 20.21
O2 EDO G . -11.95 14.37 19.55
H11 EDO G . -12.93 14.80 21.72
H12 EDO G . -11.89 16.12 22.28
HO1 EDO G . -14.13 16.76 21.92
H21 EDO G . -10.56 15.57 20.51
H22 EDO G . -11.75 16.44 19.53
HO2 EDO G . -11.36 14.23 18.81
C1 EDO H . 15.44 15.49 -13.09
O1 EDO H . 14.76 15.90 -11.89
C2 EDO H . 14.47 15.25 -14.24
O2 EDO H . 13.68 16.42 -14.49
H11 EDO H . 16.01 14.58 -12.90
H12 EDO H . 16.15 16.28 -13.37
HO1 EDO H . 15.41 16.05 -11.19
H21 EDO H . 13.80 14.42 -13.98
H22 EDO H . 15.02 14.97 -15.13
HO2 EDO H . 13.41 16.43 -15.42
C1 EDO I . -5.43 23.91 -21.75
O1 EDO I . -4.07 24.18 -21.38
C2 EDO I . -6.24 23.63 -20.49
O2 EDO I . -7.23 22.63 -20.74
H11 EDO I . -5.47 23.04 -22.41
H12 EDO I . -5.86 24.76 -22.27
HO1 EDO I . -3.53 24.19 -22.18
H21 EDO I . -6.73 24.55 -20.16
H22 EDO I . -5.58 23.29 -19.69
HO2 EDO I . -7.54 22.26 -19.90
C1 EDO J . -21.33 -2.37 0.67
O1 EDO J . -22.41 -2.60 1.56
C2 EDO J . -21.77 -2.55 -0.78
O2 EDO J . -22.75 -1.55 -1.11
H11 EDO J . -20.52 -3.08 0.88
H12 EDO J . -20.93 -1.36 0.81
HO1 EDO J . -22.08 -2.59 2.48
H21 EDO J . -22.19 -3.54 -0.91
H22 EDO J . -20.91 -2.45 -1.45
HO2 EDO J . -23.05 -1.68 -2.01
N NO3 K . -18.05 -0.95 -8.93
O1 NO3 K . -18.66 -2.03 -8.71
O2 NO3 K . -18.48 -0.10 -9.78
O3 NO3 K . -16.97 -0.69 -8.32
N NO3 L . 12.94 6.05 -16.78
O1 NO3 L . 13.71 5.07 -17.08
O2 NO3 L . 11.69 5.95 -17.02
O3 NO3 L . 13.44 7.09 -16.25
N NO3 M . 13.36 42.46 -19.99
O1 NO3 M . 12.64 41.49 -19.59
O2 NO3 M . 13.38 42.75 -21.23
O3 NO3 M . 14.04 43.13 -19.16
C1 GOL N . -20.51 20.18 -13.97
O1 GOL N . -19.83 20.81 -12.92
C2 GOL N . -19.58 20.17 -15.19
O2 GOL N . -19.68 18.98 -15.91
C3 GOL N . -20.08 21.41 -15.99
O3 GOL N . -19.98 22.56 -15.13
H11 GOL N . -21.34 20.64 -14.20
H12 GOL N . -20.76 19.27 -13.74
HO1 GOL N . -19.93 21.66 -13.04
H2 GOL N . -18.65 20.24 -14.95
HO2 GOL N . -20.49 18.88 -16.12
H31 GOL N . -20.99 21.24 -16.28
H32 GOL N . -19.56 21.49 -16.80
HO3 GOL N . -20.29 23.22 -15.57
C1 EDO O . -8.19 -0.12 -15.92
O1 EDO O . -7.33 0.11 -14.79
C2 EDO O . -9.65 0.19 -15.57
O2 EDO O . -10.34 0.61 -16.75
H11 EDO O . -8.11 -1.16 -16.23
H12 EDO O . -7.87 0.52 -16.75
HO1 EDO O . -6.42 -0.02 -15.06
H21 EDO O . -9.69 0.98 -14.82
H22 EDO O . -10.12 -0.70 -15.15
HO2 EDO O . -11.25 0.83 -16.52
N NO3 P . -8.05 31.06 -1.68
O1 NO3 P . -8.21 30.09 -2.48
O2 NO3 P . -9.06 31.76 -1.35
O3 NO3 P . -6.89 31.31 -1.21
C1 EDO Q . -14.34 25.85 -4.72
O1 EDO Q . -14.29 27.12 -4.06
C2 EDO Q . -15.74 25.58 -5.25
O2 EDO Q . -16.04 26.48 -6.32
H11 EDO Q . -14.05 25.06 -4.03
H12 EDO Q . -13.63 25.85 -5.55
HO1 EDO Q . -13.38 27.27 -3.74
H21 EDO Q . -16.47 25.71 -4.44
H22 EDO Q . -15.81 24.55 -5.60
HO2 EDO Q . -16.89 26.25 -6.71
C1 GOL R . 15.40 27.35 -25.77
O1 GOL R . 15.87 26.05 -25.50
C2 GOL R . 14.24 27.61 -24.78
O2 GOL R . 14.30 28.84 -24.15
C3 GOL R . 12.94 27.52 -25.65
O3 GOL R . 12.90 28.65 -26.53
H11 GOL R . 15.08 27.45 -26.68
H12 GOL R . 16.08 28.03 -25.66
HO1 GOL R . 15.41 25.51 -25.99
H2 GOL R . 14.28 26.94 -24.09
HO2 GOL R . 13.90 29.42 -24.64
H31 GOL R . 12.18 27.48 -25.04
H32 GOL R . 12.94 26.67 -26.11
HO3 GOL R . 12.40 28.45 -27.18
C1 EDO S . 6.80 4.02 1.71
O1 EDO S . 7.70 3.62 2.76
C2 EDO S . 5.38 3.54 1.98
O2 EDO S . 5.04 3.72 3.36
H11 EDO S . 7.14 3.62 0.76
H12 EDO S . 6.80 5.11 1.64
HO1 EDO S . 8.59 3.92 2.55
H21 EDO S . 5.29 2.48 1.72
H22 EDO S . 4.67 4.10 1.36
HO2 EDO S . 4.16 3.35 3.53
C1 EDO T . 0.87 36.45 7.77
O1 EDO T . 1.56 36.08 6.57
C2 EDO T . -0.31 35.52 8.04
O2 EDO T . -1.13 36.02 9.10
H11 EDO T . 0.51 37.47 7.69
H12 EDO T . 1.57 36.40 8.62
HO1 EDO T . 2.31 36.69 6.43
H21 EDO T . 0.06 34.52 8.30
H22 EDO T . -0.90 35.42 7.13
HO2 EDO T . -1.94 35.48 9.17
C1 EDO U . -11.28 2.87 7.99
O1 EDO U . -10.15 2.01 8.24
C2 EDO U . -12.48 2.46 8.84
O2 EDO U . -13.07 3.58 9.55
H11 EDO U . -11.55 2.82 6.93
H12 EDO U . -11.00 3.91 8.22
HO1 EDO U . -9.41 2.29 7.69
H21 EDO U . -12.18 1.70 9.56
H22 EDO U . -13.24 2.02 8.19
HO2 EDO U . -13.84 3.27 10.04
C1 EDO V . 0.85 38.58 -24.01
O1 EDO V . 0.53 39.97 -23.86
C2 EDO V . 0.12 37.97 -25.21
O2 EDO V . 0.26 38.76 -26.40
H11 EDO V . 0.57 38.03 -23.11
H12 EDO V . 1.92 38.48 -24.15
HO1 EDO V . 0.97 40.31 -23.08
H21 EDO V . -0.94 37.86 -24.97
H22 EDO V . 0.51 36.96 -25.40
HO2 EDO V . -0.25 38.36 -27.11
C1 GOL W . 12.98 30.47 -29.21
O1 GOL W . 13.25 29.17 -29.63
C2 GOL W . 12.86 31.37 -30.49
O2 GOL W . 11.82 30.99 -31.32
C3 GOL W . 12.71 32.81 -29.90
O3 GOL W . 11.91 33.56 -30.80
H11 GOL W . 13.67 30.84 -28.64
H12 GOL W . 12.15 30.53 -28.70
HO1 GOL W . 14.04 28.99 -29.35
H2 GOL W . 13.65 31.29 -31.05
HO2 GOL W . 11.58 31.67 -31.76
H31 GOL W . 13.60 33.18 -29.79
H32 GOL W . 12.34 32.75 -29.01
HO3 GOL W . 11.09 33.41 -30.62
N NO3 X . 3.42 41.20 -7.68
O1 NO3 X . 4.06 40.22 -8.15
O2 NO3 X . 2.53 41.77 -8.38
O3 NO3 X . 3.68 41.61 -6.50
C1 EDO Y . 5.93 16.37 3.42
O1 EDO Y . 6.40 16.96 4.63
C2 EDO Y . 4.62 15.60 3.65
O2 EDO Y . 4.52 15.04 4.97
H11 EDO Y . 6.69 15.68 3.03
H12 EDO Y . 5.77 17.14 2.66
HO1 EDO Y . 7.24 17.40 4.46
H21 EDO Y . 4.54 14.80 2.91
H22 EDO Y . 3.78 16.29 3.49
HO2 EDO Y . 3.87 15.53 5.49
C1 EDO Z . -17.78 -2.61 0.31
O1 EDO Z . -17.63 -3.86 0.99
C2 EDO Z . -17.86 -1.47 1.32
O2 EDO Z . -16.94 -1.57 2.42
H11 EDO Z . -18.68 -2.63 -0.30
H12 EDO Z . -16.93 -2.46 -0.36
HO1 EDO Z . -18.19 -4.53 0.57
H21 EDO Z . -18.87 -1.43 1.72
H22 EDO Z . -17.66 -0.53 0.80
HO2 EDO Z . -16.90 -0.74 2.90
C1 EDO AA . -4.09 33.54 9.34
O1 EDO AA . -4.84 32.57 10.09
C2 EDO AA . -4.70 33.78 7.95
O2 EDO AA . -5.98 34.41 8.01
H11 EDO AA . -3.06 33.20 9.23
H12 EDO AA . -4.08 34.48 9.89
HO1 EDO AA . -4.35 32.34 10.89
H21 EDO AA . -4.80 32.83 7.43
H22 EDO AA . -4.02 34.41 7.37
HO2 EDO AA . -6.36 34.45 7.13
C1 EDO BA . 24.22 14.96 -10.02
O1 EDO BA . 24.58 15.62 -8.80
C2 EDO BA . 22.77 15.23 -10.36
O2 EDO BA . 21.95 14.92 -9.22
H11 EDO BA . 24.38 13.88 -9.91
H12 EDO BA . 24.86 15.32 -10.83
HO1 EDO BA . 25.42 15.28 -8.48
H21 EDO BA . 22.45 14.62 -11.21
H22 EDO BA . 22.63 16.28 -10.63
HO2 EDO BA . 21.03 15.13 -9.42
C1 GOL CA . -15.15 30.10 6.88
O1 GOL CA . -16.50 30.20 6.42
C2 GOL CA . -14.16 31.04 6.09
O2 GOL CA . -12.82 30.57 6.22
C3 GOL CA . -14.67 31.03 4.63
O3 GOL CA . -13.53 31.40 3.84
H11 GOL CA . -14.81 29.19 6.81
H12 GOL CA . -15.08 30.34 7.82
HO1 GOL CA . -16.70 31.02 6.41
H2 GOL CA . -14.17 31.95 6.43
HO2 GOL CA . -12.79 29.71 6.03
H31 GOL CA . -15.42 31.64 4.53
H32 GOL CA . -15.02 30.15 4.41
HO3 GOL CA . -13.44 30.87 3.19
C1 EDO DA . 8.45 20.72 -18.72
O1 EDO DA . 9.64 21.12 -18.02
C2 EDO DA . 7.70 21.80 -19.50
O2 EDO DA . 8.59 22.68 -20.15
H11 EDO DA . 7.76 20.29 -18.00
H12 EDO DA . 8.74 19.94 -19.43
HO1 EDO DA . 10.02 20.34 -17.57
H21 EDO DA . 7.05 22.36 -18.82
H22 EDO DA . 7.06 21.32 -20.25
HO2 EDO DA . 9.49 22.34 -20.09
N NO3 EA . -18.67 29.10 -3.61
O1 NO3 EA . -18.63 27.93 -4.10
O2 NO3 EA . -18.22 30.06 -4.29
O3 NO3 EA . -19.18 29.32 -2.46
N NO3 FA . -9.03 33.78 -10.08
O1 NO3 FA . -8.99 32.81 -10.91
O2 NO3 FA . -10.13 34.37 -9.84
O3 NO3 FA . -7.97 34.18 -9.50
N NO3 GA . -4.55 34.21 -14.06
O1 NO3 GA . -4.85 33.66 -15.17
O2 NO3 GA . -5.25 33.99 -13.03
O3 NO3 GA . -3.56 34.97 -13.97
S SO4 HA . -23.19 11.72 5.47
O1 SO4 HA . -23.85 12.43 6.57
O2 SO4 HA . -23.55 10.31 5.53
O3 SO4 HA . -21.74 11.90 5.64
O4 SO4 HA . -23.58 12.26 4.17
S SO4 IA . 2.19 34.55 3.01
O1 SO4 IA . 2.03 33.32 3.79
O2 SO4 IA . 1.23 35.50 3.56
O3 SO4 IA . 3.60 34.92 3.14
O4 SO4 IA . 1.89 34.44 1.58
S SO4 JA . 8.92 36.58 0.68
O1 SO4 JA . 8.02 36.96 1.78
O2 SO4 JA . 9.16 35.14 0.68
O3 SO4 JA . 10.19 37.27 0.84
O4 SO4 JA . 8.35 37.00 -0.59
S SO4 KA . -13.40 29.83 0.40
O1 SO4 KA . -13.72 30.80 1.45
O2 SO4 KA . -13.69 28.55 1.04
O3 SO4 KA . -12.01 29.95 -0.05
O4 SO4 KA . -14.18 29.99 -0.81
S SO4 LA . -10.35 28.49 -6.47
O1 SO4 LA . -10.28 28.81 -5.03
O2 SO4 LA . -11.15 27.27 -6.68
O3 SO4 LA . -9.00 28.34 -7.03
O4 SO4 LA . -10.98 29.60 -7.18
S SO4 MA . -5.54 9.26 -21.63
O1 SO4 MA . -5.63 8.66 -20.30
O2 SO4 MA . -6.86 9.81 -21.94
O3 SO4 MA . -4.53 10.31 -21.59
O4 SO4 MA . -5.19 8.26 -22.64
MG MG NA . -4.64 27.81 -11.34
CL CL OA . -20.83 13.32 21.02
CL CL PA . -9.25 27.07 -11.68
CL CL QA . 14.07 26.94 7.35
CL CL RA . -1.70 17.98 27.42
CL CL SA . -7.13 10.49 10.14
O1 MES TA . 4.92 -26.24 21.88
C2 MES TA . 6.12 -26.18 21.13
C3 MES TA . 5.80 -26.45 19.67
N4 MES TA . 5.28 -27.81 19.67
C5 MES TA . 4.11 -28.07 20.51
C6 MES TA . 4.38 -27.55 21.92
C7 MES TA . 5.03 -28.31 18.33
C8 MES TA . 6.20 -29.10 17.75
S MES TA . 5.84 -29.68 16.21
O1S MES TA . 5.52 -28.57 15.30
O2S MES TA . 4.65 -30.57 16.21
O3S MES TA . 7.01 -30.37 15.64
H21 MES TA . 6.59 -25.20 21.25
H22 MES TA . 6.84 -26.93 21.51
H31 MES TA . 6.70 -26.37 19.06
H32 MES TA . 5.07 -25.74 19.30
HN4 MES TA . 6.04 -28.30 20.10
H51 MES TA . 3.90 -29.14 20.54
H52 MES TA . 3.23 -27.57 20.09
H61 MES TA . 3.44 -27.54 22.49
H62 MES TA . 5.06 -28.23 22.42
H71 MES TA . 4.80 -27.48 17.67
H72 MES TA . 4.15 -28.96 18.36
H81 MES TA . 6.43 -29.95 18.40
H82 MES TA . 7.08 -28.47 17.70
C1 EDO UA . -7.55 -2.07 16.47
O1 EDO UA . -6.47 -2.73 17.13
C2 EDO UA . -8.72 -3.01 16.24
O2 EDO UA . -9.24 -3.45 17.51
H11 EDO UA . -7.20 -1.68 15.51
H12 EDO UA . -7.88 -1.21 17.07
HO1 EDO UA . -5.72 -2.14 17.21
H21 EDO UA . -8.39 -3.88 15.67
H22 EDO UA . -9.50 -2.51 15.68
HO2 EDO UA . -10.00 -4.03 17.36
C1 EDO VA . -3.87 -30.88 7.75
O1 EDO VA . -4.43 -32.16 8.07
C2 EDO VA . -4.20 -29.90 8.86
O2 EDO VA . -5.61 -29.83 9.10
H11 EDO VA . -4.27 -30.52 6.80
H12 EDO VA . -2.79 -30.97 7.65
HO1 EDO VA . -4.22 -32.79 7.36
H21 EDO VA . -3.83 -28.90 8.59
H22 EDO VA . -3.70 -30.21 9.78
HO2 EDO VA . -5.80 -29.18 9.80
C1 EDO WA . 1.21 -36.58 8.66
O1 EDO WA . 1.86 -36.39 9.92
C2 EDO WA . -0.30 -36.70 8.84
O2 EDO WA . -0.64 -36.74 10.23
H11 EDO WA . 1.58 -37.48 8.18
H12 EDO WA . 1.43 -35.73 8.00
HO1 EDO WA . 2.82 -36.36 9.78
H21 EDO WA . -0.66 -37.60 8.35
H22 EDO WA . -0.80 -35.84 8.37
HO2 EDO WA . -1.60 -36.80 10.33
C1 EDO XA . 15.56 -55.39 15.88
O1 EDO XA . 14.99 -55.16 17.17
C2 EDO XA . 16.27 -54.16 15.31
O2 EDO XA . 17.67 -54.15 15.64
H11 EDO XA . 14.76 -55.69 15.19
H12 EDO XA . 16.27 -56.22 15.94
HO1 EDO XA . 14.60 -55.97 17.52
H21 EDO XA . 15.81 -53.26 15.71
H22 EDO XA . 16.16 -54.15 14.22
HO2 EDO XA . 18.08 -53.36 15.27
C1 EDO YA . -15.75 -21.93 22.90
O1 EDO YA . -16.52 -22.93 22.23
C2 EDO YA . -14.52 -21.58 22.07
O2 EDO YA . -14.90 -21.52 20.68
H11 EDO YA . -15.43 -22.29 23.88
H12 EDO YA . -16.36 -21.03 23.06
HO1 EDO YA . -17.28 -23.17 22.78
H21 EDO YA . -13.75 -22.33 22.21
H22 EDO YA . -14.12 -20.61 22.38
HO2 EDO YA . -14.14 -21.22 20.15
C1 EDO ZA . 7.00 -34.58 3.86
O1 EDO ZA . 8.24 -33.91 4.15
C2 EDO ZA . 6.91 -34.92 2.38
O2 EDO ZA . 5.63 -35.51 2.04
H11 EDO ZA . 6.17 -33.94 4.14
H12 EDO ZA . 6.94 -35.49 4.45
HO1 EDO ZA . 8.29 -33.73 5.10
H21 EDO ZA . 7.70 -35.63 2.11
H22 EDO ZA . 7.05 -34.02 1.79
HO2 EDO ZA . 5.60 -35.70 1.09
C1 EDO AB . -10.05 -20.33 23.80
O1 EDO AB . -9.69 -19.57 24.97
C2 EDO AB . -11.50 -20.82 23.92
O2 EDO AB . -12.36 -19.72 24.20
H11 EDO AB . -9.38 -21.17 23.69
H12 EDO AB . -9.95 -19.69 22.92
HO1 EDO AB . -8.79 -19.25 24.87
H21 EDO AB . -11.56 -21.56 24.72
H22 EDO AB . -11.79 -21.29 22.98
HO2 EDO AB . -13.26 -20.04 24.33
C1 EDO BB . 4.27 -36.41 14.43
O1 EDO BB . 3.31 -35.84 15.32
C2 EDO BB . 3.66 -36.74 13.06
O2 EDO BB . 2.88 -35.62 12.61
H11 EDO BB . 4.68 -37.32 14.87
H12 EDO BB . 5.10 -35.71 14.29
HO1 EDO BB . 3.63 -35.92 16.23
H21 EDO BB . 3.02 -37.62 13.16
H22 EDO BB . 4.44 -36.96 12.35
HO2 EDO BB . 2.51 -35.83 11.73
C1 EDO CB . 7.81 -46.59 20.72
O1 EDO CB . 8.25 -45.91 21.90
C2 EDO CB . 7.24 -47.97 21.05
O2 EDO CB . 6.85 -48.72 19.87
H11 EDO CB . 8.65 -46.70 20.03
H12 EDO CB . 7.05 -46.00 20.21
HO1 EDO CB . 8.65 -45.06 21.66
H21 EDO CB . 6.38 -47.86 21.70
H22 EDO CB . 7.99 -48.55 21.58
HO2 EDO CB . 6.52 -49.59 20.13
C1 EDO DB . 8.90 -35.72 9.51
O1 EDO DB . 10.29 -35.65 9.14
C2 EDO DB . 8.03 -36.53 8.55
O2 EDO DB . 6.64 -36.41 8.88
H11 EDO DB . 8.51 -34.71 9.59
H12 EDO DB . 8.83 -36.18 10.50
HO1 EDO DB . 10.79 -35.18 9.81
H21 EDO DB . 8.33 -37.58 8.57
H22 EDO DB . 8.19 -36.16 7.52
HO2 EDO DB . 6.11 -36.93 8.27
C1 EDO EB . -10.98 -18.88 12.38
O1 EDO EB . -9.82 -18.92 13.22
C2 EDO EB . -12.19 -19.40 13.15
O2 EDO EB . -12.06 -19.06 14.55
H11 EDO EB . -10.83 -19.49 11.49
H12 EDO EB . -11.17 -17.85 12.06
HO1 EDO EB . -9.07 -18.56 12.75
H21 EDO EB . -12.26 -20.48 13.05
H22 EDO EB . -13.11 -18.96 12.75
HO2 EDO EB . -12.80 -19.42 15.04
C1 EDO FB . 9.83 -39.39 24.32
O1 EDO FB . 9.58 -39.72 25.70
C2 EDO FB . 9.91 -40.62 23.43
O2 EDO FB . 8.90 -41.59 23.72
H11 EDO FB . 10.76 -38.83 24.25
H12 EDO FB . 9.02 -38.75 23.96
HO1 EDO FB . 9.59 -38.91 26.23
H21 EDO FB . 10.89 -41.09 23.56
H22 EDO FB . 9.83 -40.32 22.39
HO2 EDO FB . 8.97 -42.34 23.10
C1 EDO GB . 17.20 -29.97 2.98
O1 EDO GB . 17.96 -30.41 4.13
C2 EDO GB . 16.18 -31.03 2.61
O2 EDO GB . 15.36 -30.62 1.50
H11 EDO GB . 17.87 -29.78 2.14
H12 EDO GB . 16.70 -29.03 3.23
HO1 EDO GB . 18.61 -29.74 4.37
H21 EDO GB . 15.54 -31.24 3.47
H22 EDO GB . 16.69 -31.95 2.35
HO2 EDO GB . 14.80 -31.35 1.23
C1 EDO HB . 8.35 -5.20 -5.76
O1 EDO HB . 7.83 -4.69 -4.53
C2 EDO HB . 7.30 -5.08 -6.87
O2 EDO HB . 6.22 -5.98 -6.58
H11 EDO HB . 8.64 -6.24 -5.64
H12 EDO HB . 9.24 -4.63 -6.04
HO1 EDO HB . 8.52 -4.73 -3.85
H21 EDO HB . 7.74 -5.34 -7.82
H22 EDO HB . 6.92 -4.06 -6.92
HO2 EDO HB . 5.56 -5.93 -7.29
C1 EDO IB . 1.51 -35.11 -6.90
O1 EDO IB . 2.87 -34.95 -6.47
C2 EDO IB . 0.62 -35.51 -5.73
O2 EDO IB . -0.71 -35.03 -5.93
H11 EDO IB . 1.46 -35.86 -7.68
H12 EDO IB . 1.16 -34.16 -7.32
HO1 EDO IB . 3.41 -34.65 -7.21
H21 EDO IB . 1.02 -35.10 -4.80
H22 EDO IB . 0.61 -36.60 -5.64
HO2 EDO IB . -1.30 -35.38 -5.25
C1 EDO JB . 5.66 -3.88 -0.64
O1 EDO JB . 6.57 -3.74 0.46
C2 EDO JB . 6.41 -3.73 -1.96
O2 EDO JB . 5.45 -3.88 -3.02
H11 EDO JB . 4.88 -3.13 -0.57
H12 EDO JB . 5.19 -4.87 -0.60
HO1 EDO JB . 6.19 -4.18 1.24
H21 EDO JB . 7.19 -4.49 -2.05
H22 EDO JB . 6.88 -2.76 -2.02
HO2 EDO JB . 5.26 -3.01 -3.40
C1 EDO KB . -16.14 -32.42 -2.46
O1 EDO KB . -16.50 -33.37 -1.45
C2 EDO KB . -17.41 -31.96 -3.15
O2 EDO KB . -18.32 -31.45 -2.17
H11 EDO KB . -15.47 -32.87 -3.18
H12 EDO KB . -15.63 -31.56 -2.02
HO1 EDO KB . -15.72 -33.57 -0.91
H21 EDO KB . -17.88 -32.80 -3.68
H22 EDO KB . -17.19 -31.19 -3.89
HO2 EDO KB . -19.10 -31.07 -2.61
C1 EDO LB . 17.26 -34.79 0.13
O1 EDO LB . 16.55 -35.39 1.24
C2 EDO LB . 16.27 -34.58 -1.00
O2 EDO LB . 15.21 -33.74 -0.52
H11 EDO LB . 18.07 -35.44 -0.20
H12 EDO LB . 17.69 -33.83 0.43
HO1 EDO LB . 17.18 -35.57 1.94
H21 EDO LB . 15.86 -35.54 -1.33
H22 EDO LB . 16.76 -34.10 -1.86
HO2 EDO LB . 14.68 -33.43 -1.26
C1 EDO MB . -8.41 -33.67 -3.69
O1 EDO MB . -8.86 -33.88 -2.35
C2 EDO MB . -9.59 -33.64 -4.66
O2 EDO MB . -10.74 -33.28 -3.91
H11 EDO MB . -7.72 -34.47 -3.98
H12 EDO MB . -7.86 -32.72 -3.75
HO1 EDO MB . -8.10 -33.87 -1.74
H21 EDO MB . -9.73 -34.62 -5.12
H22 EDO MB . -9.40 -32.92 -5.46
HO2 EDO MB . -11.52 -33.29 -4.49
S SO4 NB . 8.87 -34.28 -2.05
O1 SO4 NB . 8.34 -34.46 -0.71
O2 SO4 NB . 8.25 -35.24 -2.96
O3 SO4 NB . 8.49 -32.99 -2.61
O4 SO4 NB . 10.33 -34.28 -1.93
S SO4 OB . -7.30 -32.93 1.02
O1 SO4 OB . -8.49 -32.97 1.88
O2 SO4 OB . -7.07 -34.24 0.42
O3 SO4 OB . -6.12 -32.54 1.80
O4 SO4 OB . -7.57 -32.03 -0.09
CL CL PB . 14.70 -4.70 17.30
CL CL QB . -14.37 -6.26 16.74
CL CL RB . -17.45 -3.46 10.43
CL CL SB . 5.94 -22.80 -13.61
CL CL TB . -18.90 -18.10 -19.53
CL CL UB . -1.93 -32.99 3.13
CL CL VB . 8.85 -16.10 -2.46
C1 EDO WB . -23.71 10.88 14.35
O1 EDO WB . -23.62 11.25 15.73
C2 EDO WB . -22.32 10.71 13.77
O2 EDO WB . -22.36 9.73 12.74
H11 EDO WB . -24.26 11.65 13.80
H12 EDO WB . -24.26 9.95 14.25
HO1 EDO WB . -24.51 11.34 16.09
H21 EDO WB . -21.62 10.41 14.55
H22 EDO WB . -21.96 11.67 13.35
HO2 EDO WB . -21.47 9.44 12.53
C1 EDO XB . -32.01 17.97 8.63
O1 EDO XB . -32.87 16.96 9.17
C2 EDO XB . -31.73 17.75 7.15
O2 EDO XB . -32.96 17.77 6.41
H11 EDO XB . -31.06 17.96 9.18
H12 EDO XB . -32.47 18.95 8.77
HO1 EDO XB . -33.00 17.12 10.12
H21 EDO XB . -31.23 16.79 7.00
H22 EDO XB . -31.07 18.54 6.78
HO2 EDO XB . -32.76 17.83 5.46
C1 EDO YB . -17.44 25.98 23.16
O1 EDO YB . -17.74 26.07 24.57
C2 EDO YB . -17.84 27.23 22.37
O2 EDO YB . -17.13 28.44 22.72
H11 EDO YB . -17.96 25.12 22.75
H12 EDO YB . -16.37 25.81 23.04
HO1 EDO YB . -17.48 25.25 25.00
H21 EDO YB . -18.90 27.40 22.50
H22 EDO YB . -17.65 27.03 21.31
HO2 EDO YB . -17.44 29.17 22.15
C1 EDO ZB . -44.89 10.69 13.10
O1 EDO ZB . -44.38 11.73 13.95
C2 EDO ZB . -46.41 10.66 13.21
O2 EDO ZB . -46.94 11.99 13.12
H11 EDO ZB . -44.47 9.74 13.40
H12 EDO ZB . -44.58 10.88 12.07
HO1 EDO ZB . -43.42 11.71 13.95
H21 EDO ZB . -46.70 10.19 14.14
H22 EDO ZB . -46.82 10.06 12.39
HO2 EDO ZB . -47.90 11.95 13.13
S SO4 AC . -22.28 27.76 4.62
O1 SO4 AC . -22.65 26.95 5.79
O2 SO4 AC . -23.42 27.79 3.70
O3 SO4 AC . -21.91 29.12 5.01
O4 SO4 AC . -21.14 27.11 3.98
CL CL BC . -35.47 3.48 1.09
CL CL CC . -21.25 36.40 13.54
CL CL DC . -20.46 -16.96 -3.91
#